data_5NI3
#
_entry.id   5NI3
#
_cell.length_a   96.700
_cell.length_b   98.020
_cell.length_c   102.640
_cell.angle_alpha   90.00
_cell.angle_beta   90.00
_cell.angle_gamma   90.00
#
_symmetry.space_group_name_H-M   'P 21 21 21'
#
loop_
_entity.id
_entity.type
_entity.pdbx_description
1 polymer 'Green fluorescent protein'
2 polymer 'Green fluorescent protein'
3 polymer 'Green fluorescent protein'
4 non-polymer 'SODIUM ION'
5 non-polymer '[(4~{S})-4,5,6,7,8,9-hexahydro-1~{H}-cycloocta[d][1,2,3]triazol-4-yl] hydrogen carbonate'
6 non-polymer GLYCEROL
7 non-polymer 'CHLORIDE ION'
8 water water
#
loop_
_entity_poly.entity_id
_entity_poly.type
_entity_poly.pdbx_seq_one_letter_code
_entity_poly.pdbx_strand_id
1 'polypeptide(L)'
;KGEELFTGVVPILVELDGDVNGHKFSVRGEGEGDATNGKLTLKFICTTGKLPVPWPTLVTTL(CRO)VQCFSRYPDHMKR
HDFFKSAMPEGYVQERTISFKDDGTYKTRAEVKFEGDTLVNRIELKGIDFKEDGNILGHKLEYNFNSHNVYITADKQKNG
IKANFKIRHNVEDGSVQLADHYQQNTPIGDGPVLLPDNHYLSTFSVLSKDPNEKRDHMVLLEFVTAAGI
;
A
2 'polypeptide(L)'
;KGEELFTGVVPILVELDGDVNGHKFSVRGEGEGDATNGKLTLKFICTTGKLPVPWPTLVTTL(CRO)VQCFSRYPDHMKR
HDFFKSAMPEGYVQERTISFKDDGTYKTRAEVKFEGDTLVNRIELKGIDFKEDGNILGHKLEYNFNSHNVYITADKQKNG
IKANFKIRHNVEDGSVQLADHYQQNTPIGDGPVLLPDNHYLSTFSVLSKDPNEKRDHMVLLEFVTAAGITHGM
;
B
3 'polypeptide(L)'
;KGEELFTGVVPILVELDGDVNGHKFSVRGEGEGDATNGKLTLKFICTTGKLPVPWPTLVTTL(CRO)VQCFSRYPDHMKR
HDFFKSAMPEGYVQERTISFKDDGTYKTRAEVKFEGDTLVNRIELKGIDFKEDGNILGHKLEYNFNSHNVYITADKQKNG
IKANFKIRHNVEDGSVQLADHYQQNTPIGDGPVLLPDNHYLSTKSVLSKDPNEKRDHMVLLEFVTAAGITHGM
;
C,D
#
loop_
_chem_comp.id
_chem_comp.type
_chem_comp.name
_chem_comp.formula
CL non-polymer 'CHLORIDE ION' 'Cl -1'
DB5 non-polymer '[(4~{S})-4,5,6,7,8,9-hexahydro-1~{H}-cycloocta[d][1,2,3]triazol-4-yl] hydrogen carbonate' 'C9 H13 N3 O3'
GOL non-polymer GLYCEROL 'C3 H8 O3'
NA non-polymer 'SODIUM ION' 'Na 1'
#
# COMPACT_ATOMS: atom_id res chain seq x y z
N LYS A 1 16.65 10.52 22.45
CA LYS A 1 15.97 9.77 21.37
C LYS A 1 14.54 9.40 21.80
N GLY A 2 13.67 9.56 20.84
CA GLY A 2 12.27 9.40 21.07
C GLY A 2 11.89 8.06 21.56
N GLU A 3 12.56 7.02 21.10
CA GLU A 3 12.18 5.67 21.51
C GLU A 3 12.31 5.49 23.02
N GLU A 4 13.20 6.25 23.68
CA GLU A 4 13.32 6.09 25.10
C GLU A 4 12.11 6.50 25.90
N LEU A 5 11.27 7.32 25.33
CA LEU A 5 10.04 7.74 25.94
C LEU A 5 9.00 6.62 26.10
N PHE A 6 9.21 5.51 25.37
CA PHE A 6 8.25 4.44 25.29
C PHE A 6 8.61 3.17 26.07
N THR A 7 9.56 3.23 26.98
CA THR A 7 9.79 2.07 27.87
C THR A 7 8.61 1.98 28.83
N GLY A 8 8.34 0.81 29.33
CA GLY A 8 7.21 0.62 30.22
C GLY A 8 5.89 0.85 29.60
N VAL A 9 4.99 1.47 30.28
CA VAL A 9 3.64 1.78 29.84
C VAL A 9 3.44 3.24 29.80
N VAL A 10 2.75 3.73 28.82
CA VAL A 10 2.52 5.20 28.62
C VAL A 10 1.02 5.44 28.52
N PRO A 11 0.46 6.38 29.26
CA PRO A 11 -0.94 6.72 29.12
C PRO A 11 -1.28 7.35 27.81
N ILE A 12 -2.44 7.12 27.29
CA ILE A 12 -2.92 7.60 26.00
C ILE A 12 -4.25 8.31 26.12
N LEU A 13 -4.36 9.45 25.39
CA LEU A 13 -5.61 10.17 25.25
C LEU A 13 -5.89 10.29 23.79
N VAL A 14 -7.10 10.00 23.33
CA VAL A 14 -7.52 10.16 21.93
C VAL A 14 -8.74 11.09 21.92
N GLU A 15 -8.71 12.12 21.09
CA GLU A 15 -9.86 13.02 20.92
C GLU A 15 -10.17 13.14 19.45
N LEU A 16 -11.39 12.84 19.08
CA LEU A 16 -11.81 12.92 17.65
C LEU A 16 -13.08 13.77 17.53
N ASP A 17 -13.04 14.72 16.59
CA ASP A 17 -14.23 15.46 16.18
C ASP A 17 -14.53 15.09 14.76
N GLY A 18 -15.74 14.65 14.47
CA GLY A 18 -16.10 14.17 13.13
C GLY A 18 -17.37 14.80 12.61
N ASP A 19 -17.47 14.81 11.27
CA ASP A 19 -18.68 15.24 10.57
C ASP A 19 -18.76 14.35 9.35
N VAL A 20 -19.75 13.50 9.26
CA VAL A 20 -19.93 12.60 8.12
C VAL A 20 -21.29 12.89 7.53
N ASN A 21 -21.32 13.39 6.33
CA ASN A 21 -22.60 13.73 5.64
C ASN A 21 -23.42 14.68 6.51
N GLY A 22 -22.80 15.53 7.26
CA GLY A 22 -23.50 16.50 8.12
C GLY A 22 -23.83 16.00 9.52
N HIS A 23 -23.57 14.73 9.78
CA HIS A 23 -23.83 14.13 11.07
C HIS A 23 -22.56 14.36 11.87
N LYS A 24 -22.64 15.22 12.87
CA LYS A 24 -21.49 15.53 13.67
C LYS A 24 -21.40 14.70 14.92
N PHE A 25 -20.19 14.38 15.35
CA PHE A 25 -19.95 13.54 16.52
C PHE A 25 -18.62 13.81 17.12
N SER A 26 -18.44 13.39 18.38
CA SER A 26 -17.16 13.45 19.04
C SER A 26 -16.91 12.13 19.77
N VAL A 27 -15.65 11.76 19.83
CA VAL A 27 -15.21 10.53 20.54
C VAL A 27 -14.07 10.87 21.42
N ARG A 28 -14.05 10.33 22.64
CA ARG A 28 -12.90 10.44 23.50
C ARG A 28 -12.44 9.04 23.92
N GLY A 29 -11.16 8.81 23.85
CA GLY A 29 -10.57 7.52 24.28
C GLY A 29 -9.48 7.68 25.22
N GLU A 30 -9.35 6.75 26.17
CA GLU A 30 -8.28 6.73 27.13
C GLU A 30 -7.78 5.32 27.32
N GLY A 31 -6.53 5.17 27.61
CA GLY A 31 -5.94 3.85 27.86
C GLY A 31 -4.48 3.93 27.97
N GLU A 32 -3.75 2.91 27.51
CA GLU A 32 -2.35 2.77 27.73
C GLU A 32 -1.72 2.03 26.60
N GLY A 33 -0.44 2.24 26.39
CA GLY A 33 0.36 1.61 25.36
C GLY A 33 1.64 1.09 25.90
N ASP A 34 2.03 -0.12 25.47
CA ASP A 34 3.23 -0.85 25.89
C ASP A 34 3.98 -1.19 24.64
N ALA A 35 4.83 -0.32 24.14
CA ALA A 35 5.53 -0.52 22.92
C ALA A 35 6.47 -1.69 22.96
N THR A 36 7.01 -2.03 24.09
CA THR A 36 7.91 -3.19 24.14
C THR A 36 7.21 -4.44 23.70
N ASN A 37 5.93 -4.55 23.99
CA ASN A 37 5.12 -5.70 23.55
C ASN A 37 4.19 -5.39 22.42
N GLY A 38 4.26 -4.19 21.89
CA GLY A 38 3.37 -3.72 20.81
C GLY A 38 1.95 -3.74 21.18
N LYS A 39 1.60 -3.49 22.42
CA LYS A 39 0.24 -3.71 22.93
C LYS A 39 -0.49 -2.43 23.32
N LEU A 40 -1.68 -2.23 22.87
CA LEU A 40 -2.58 -1.15 23.19
C LEU A 40 -3.84 -1.58 23.84
N THR A 41 -4.34 -0.89 24.87
CA THR A 41 -5.61 -1.13 25.47
C THR A 41 -6.32 0.16 25.64
N LEU A 42 -7.45 0.34 25.03
CA LEU A 42 -8.19 1.65 25.05
C LEU A 42 -9.64 1.45 25.19
N LYS A 43 -10.35 2.41 25.78
CA LYS A 43 -11.81 2.46 25.74
C LYS A 43 -12.22 3.80 25.16
N PHE A 44 -13.12 3.79 24.22
CA PHE A 44 -13.63 4.99 23.53
C PHE A 44 -15.08 5.14 23.82
N ILE A 45 -15.50 6.39 24.05
CA ILE A 45 -16.90 6.73 24.25
C ILE A 45 -17.32 7.80 23.22
N CYS A 46 -18.52 7.70 22.69
CA CYS A 46 -19.12 8.81 21.93
C CYS A 46 -19.72 9.76 22.92
N THR A 47 -19.22 11.01 22.88
CA THR A 47 -19.71 12.03 23.82
C THR A 47 -20.86 12.85 23.26
N THR A 48 -21.39 12.45 22.14
CA THR A 48 -22.52 13.14 21.47
C THR A 48 -23.65 12.20 21.17
N GLY A 49 -23.90 11.25 22.13
CA GLY A 49 -25.06 10.35 21.96
C GLY A 49 -24.71 9.13 21.10
N LYS A 50 -25.50 8.81 20.11
CA LYS A 50 -25.32 7.67 19.25
C LYS A 50 -24.31 7.96 18.18
N LEU A 51 -23.29 7.18 17.99
CA LEU A 51 -22.31 7.39 16.97
C LEU A 51 -23.03 7.17 15.63
N PRO A 52 -22.88 8.03 14.63
CA PRO A 52 -23.61 7.93 13.42
C PRO A 52 -23.00 7.03 12.33
N VAL A 53 -21.82 6.49 12.66
CA VAL A 53 -21.16 5.51 11.78
C VAL A 53 -20.78 4.33 12.66
N PRO A 54 -20.45 3.19 12.04
CA PRO A 54 -20.05 2.03 12.86
C PRO A 54 -18.71 2.24 13.50
N TRP A 55 -18.57 1.81 14.74
CA TRP A 55 -17.31 1.85 15.46
C TRP A 55 -16.16 1.27 14.69
N PRO A 56 -16.32 0.12 14.01
CA PRO A 56 -15.16 -0.40 13.28
C PRO A 56 -14.57 0.53 12.25
N THR A 57 -15.40 1.40 11.65
CA THR A 57 -14.90 2.32 10.63
C THR A 57 -13.98 3.34 11.21
N LEU A 58 -13.92 3.57 12.50
CA LEU A 58 -13.07 4.57 13.14
C LEU A 58 -11.82 4.01 13.78
N VAL A 59 -11.67 2.67 13.80
CA VAL A 59 -10.54 2.03 14.50
C VAL A 59 -9.21 2.57 13.96
N THR A 60 -9.02 2.58 12.65
CA THR A 60 -7.70 3.01 12.16
C THR A 60 -7.39 4.44 12.45
N THR A 61 -8.45 5.28 12.49
CA THR A 61 -8.24 6.73 12.77
C THR A 61 -7.91 6.96 14.22
N LEU A 62 -8.60 6.24 15.10
CA LEU A 62 -8.38 6.35 16.56
C LEU A 62 -7.08 5.70 17.00
N1 CRO A 63 -6.67 4.63 16.36
CA1 CRO A 63 -5.44 3.85 16.71
CB1 CRO A 63 -5.71 2.58 17.48
CG1 CRO A 63 -6.31 2.89 18.84
OG1 CRO A 63 -6.44 1.63 16.76
C1 CRO A 63 -4.77 3.66 15.44
N2 CRO A 63 -4.78 2.50 14.71
N3 CRO A 63 -4.04 4.62 14.79
C2 CRO A 63 -3.62 4.08 13.63
O2 CRO A 63 -2.96 4.77 12.75
CA2 CRO A 63 -4.12 2.73 13.58
CA3 CRO A 63 -3.86 6.05 15.13
C3 CRO A 63 -2.63 6.35 15.88
O3 CRO A 63 -2.24 7.53 15.82
CB2 CRO A 63 -3.90 1.87 12.45
CG2 CRO A 63 -4.39 0.55 12.23
CD1 CRO A 63 -5.24 -0.17 13.11
CD2 CRO A 63 -4.12 -0.06 11.01
CE1 CRO A 63 -5.67 -1.47 12.79
CE2 CRO A 63 -4.56 -1.32 10.71
CZ CRO A 63 -5.31 -2.05 11.60
OH CRO A 63 -5.75 -3.28 11.31
N VAL A 64 -2.09 5.43 16.62
CA VAL A 64 -0.94 5.71 17.48
C VAL A 64 0.11 4.67 17.20
N GLN A 65 0.61 4.69 15.98
CA GLN A 65 1.56 3.70 15.47
C GLN A 65 2.91 3.79 16.10
N CYS A 66 3.15 4.81 16.90
CA CYS A 66 4.31 4.88 17.75
C CYS A 66 4.36 3.78 18.82
N PHE A 67 3.24 3.10 19.07
CA PHE A 67 3.23 1.97 20.01
C PHE A 67 3.57 0.61 19.37
N SER A 68 3.90 0.62 18.10
CA SER A 68 4.26 -0.64 17.45
C SER A 68 5.50 -1.20 18.01
N ARG A 69 5.63 -2.55 18.05
CA ARG A 69 6.88 -3.16 18.44
C ARG A 69 7.76 -3.27 17.21
N TYR A 70 8.89 -2.63 17.20
CA TYR A 70 9.90 -2.84 16.18
C TYR A 70 10.93 -3.84 16.76
N PRO A 71 11.19 -4.95 16.10
CA PRO A 71 12.25 -5.84 16.53
C PRO A 71 13.59 -5.14 16.52
N ASP A 72 14.54 -5.61 17.30
CA ASP A 72 15.82 -4.96 17.42
C ASP A 72 16.49 -4.74 16.09
N HIS A 73 16.40 -5.71 15.16
CA HIS A 73 17.09 -5.51 13.90
C HIS A 73 16.40 -4.46 13.02
N MET A 74 15.20 -4.02 13.38
CA MET A 74 14.48 -3.01 12.61
C MET A 74 14.35 -1.65 13.33
N LYS A 75 15.04 -1.45 14.45
CA LYS A 75 14.83 -0.24 15.19
C LYS A 75 15.22 1.04 14.41
N ARG A 76 16.09 0.94 13.45
CA ARG A 76 16.44 2.17 12.73
C ARG A 76 15.32 2.57 11.75
N HIS A 77 14.30 1.75 11.60
CA HIS A 77 13.20 2.08 10.71
C HIS A 77 11.95 2.61 11.38
N ASP A 78 12.05 2.90 12.67
CA ASP A 78 10.88 3.38 13.43
C ASP A 78 10.78 4.92 13.37
N PHE A 79 10.13 5.39 12.33
CA PHE A 79 9.93 6.83 12.19
C PHE A 79 9.08 7.38 13.30
N PHE A 80 8.05 6.69 13.70
CA PHE A 80 7.04 7.20 14.59
C PHE A 80 7.60 7.59 15.94
N LYS A 81 8.40 6.76 16.58
CA LYS A 81 9.04 7.12 17.83
C LYS A 81 10.08 8.19 17.64
N SER A 82 10.79 8.19 16.52
CA SER A 82 11.89 9.12 16.31
C SER A 82 11.38 10.56 16.30
N ALA A 83 10.13 10.75 15.92
CA ALA A 83 9.52 12.07 15.86
C ALA A 83 9.08 12.58 17.19
N MET A 84 9.15 11.81 18.25
CA MET A 84 8.70 12.22 19.57
C MET A 84 9.81 12.87 20.35
N PRO A 85 9.53 13.80 21.27
CA PRO A 85 8.16 14.07 21.74
C PRO A 85 7.35 15.12 20.96
N GLU A 86 7.99 15.83 20.03
CA GLU A 86 7.26 16.88 19.32
C GLU A 86 6.14 16.32 18.48
N GLY A 87 6.32 15.12 17.95
CA GLY A 87 5.27 14.35 17.32
C GLY A 87 5.20 14.48 15.79
N TYR A 88 4.08 14.01 15.26
CA TYR A 88 3.87 14.04 13.83
C TYR A 88 2.43 14.30 13.48
N VAL A 89 2.24 14.75 12.25
CA VAL A 89 0.91 14.88 11.66
C VAL A 89 0.65 13.60 10.88
N GLN A 90 -0.52 13.04 11.04
CA GLN A 90 -0.94 11.85 10.30
C GLN A 90 -2.18 12.25 9.52
N GLU A 91 -2.14 12.11 8.22
CA GLU A 91 -3.29 12.44 7.37
C GLU A 91 -3.68 11.24 6.56
N ARG A 92 -4.96 11.00 6.43
CA ARG A 92 -5.42 9.89 5.62
C ARG A 92 -6.59 10.25 4.72
N THR A 93 -6.70 9.60 3.61
CA THR A 93 -7.88 9.45 2.81
C THR A 93 -8.34 8.00 2.93
N ILE A 94 -9.52 7.74 3.36
CA ILE A 94 -10.06 6.38 3.49
C ILE A 94 -11.22 6.27 2.55
N SER A 95 -11.09 5.47 1.51
CA SER A 95 -12.09 5.34 0.46
C SER A 95 -12.91 4.06 0.66
N PHE A 96 -14.14 4.15 1.01
CA PHE A 96 -14.97 2.93 1.19
C PHE A 96 -15.51 2.54 -0.13
N LYS A 97 -15.24 1.33 -0.60
CA LYS A 97 -15.67 0.89 -1.92
C LYS A 97 -17.15 0.98 -2.06
N ASP A 98 -17.57 1.64 -3.17
CA ASP A 98 -18.96 1.85 -3.50
C ASP A 98 -19.69 2.68 -2.46
N ASP A 99 -18.94 3.50 -1.76
CA ASP A 99 -19.54 4.37 -0.77
C ASP A 99 -18.66 5.62 -0.59
N GLY A 100 -18.80 6.26 0.55
CA GLY A 100 -18.14 7.58 0.79
C GLY A 100 -16.70 7.51 1.15
N THR A 101 -16.13 8.64 1.50
CA THR A 101 -14.76 8.84 1.84
C THR A 101 -14.59 9.52 3.17
N TYR A 102 -13.64 9.08 3.98
CA TYR A 102 -13.22 9.86 5.14
C TYR A 102 -11.91 10.58 4.80
N LYS A 103 -11.80 11.82 5.26
CA LYS A 103 -10.57 12.64 5.23
C LYS A 103 -10.20 12.89 6.65
N THR A 104 -8.99 12.52 7.05
CA THR A 104 -8.59 12.72 8.48
C THR A 104 -7.29 13.49 8.58
N ARG A 105 -7.17 14.29 9.62
CA ARG A 105 -5.91 14.94 9.97
C ARG A 105 -5.77 14.85 11.47
N ALA A 106 -4.65 14.34 11.90
CA ALA A 106 -4.38 14.12 13.33
C ALA A 106 -3.00 14.62 13.67
N GLU A 107 -2.86 15.07 14.90
CA GLU A 107 -1.55 15.31 15.50
C GLU A 107 -1.32 14.33 16.63
N VAL A 108 -0.22 13.60 16.59
CA VAL A 108 0.14 12.62 17.61
C VAL A 108 1.39 13.12 18.27
N LYS A 109 1.31 13.41 19.57
CA LYS A 109 2.44 14.06 20.26
C LYS A 109 2.32 13.84 21.78
N PHE A 110 3.35 14.04 22.51
CA PHE A 110 3.24 14.03 23.95
C PHE A 110 2.68 15.36 24.51
N GLU A 111 1.79 15.33 25.44
CA GLU A 111 1.35 16.46 26.23
C GLU A 111 1.65 16.09 27.66
N GLY A 112 2.72 16.56 28.23
CA GLY A 112 3.16 16.08 29.51
C GLY A 112 3.57 14.59 29.42
N ASP A 113 3.00 13.72 30.26
CA ASP A 113 3.35 12.28 30.25
C ASP A 113 2.49 11.53 29.26
N THR A 114 1.46 12.12 28.71
CA THR A 114 0.44 11.42 27.92
C THR A 114 0.68 11.50 26.45
N LEU A 115 0.58 10.39 25.73
CA LEU A 115 0.63 10.40 24.29
C LEU A 115 -0.76 10.73 23.83
N VAL A 116 -0.91 11.81 23.08
CA VAL A 116 -2.19 12.32 22.64
C VAL A 116 -2.33 12.14 21.12
N ASN A 117 -3.48 11.65 20.70
CA ASN A 117 -3.87 11.62 19.26
C ASN A 117 -5.11 12.50 19.15
N ARG A 118 -4.96 13.65 18.51
CA ARG A 118 -6.10 14.63 18.34
C ARG A 118 -6.42 14.70 16.90
N ILE A 119 -7.65 14.39 16.55
CA ILE A 119 -8.08 14.17 15.16
C ILE A 119 -9.30 14.99 14.76
N GLU A 120 -9.25 15.46 13.52
CA GLU A 120 -10.43 15.98 12.82
C GLU A 120 -10.74 15.04 11.65
N LEU A 121 -11.98 14.67 11.52
CA LEU A 121 -12.49 13.77 10.47
C LEU A 121 -13.64 14.38 9.73
N LYS A 122 -13.61 14.34 8.43
CA LYS A 122 -14.74 14.74 7.57
C LYS A 122 -15.08 13.64 6.62
N GLY A 123 -16.36 13.27 6.53
CA GLY A 123 -16.82 12.24 5.65
C GLY A 123 -17.78 12.79 4.65
N ILE A 124 -17.70 12.37 3.41
CA ILE A 124 -18.52 12.87 2.31
C ILE A 124 -18.93 11.79 1.36
N ASP A 125 -20.05 11.96 0.71
CA ASP A 125 -20.55 11.11 -0.33
C ASP A 125 -20.99 9.73 0.17
N PHE A 126 -21.37 9.61 1.41
CA PHE A 126 -21.92 8.34 1.92
C PHE A 126 -23.34 8.13 1.54
N LYS A 127 -23.71 6.89 1.27
CA LYS A 127 -25.05 6.50 0.92
C LYS A 127 -25.85 6.38 2.20
N GLU A 128 -27.07 6.92 2.20
CA GLU A 128 -27.82 6.91 3.44
C GLU A 128 -28.20 5.55 3.92
N ASP A 129 -28.39 4.62 3.01
CA ASP A 129 -28.68 3.23 3.39
C ASP A 129 -27.59 2.25 2.98
N GLY A 130 -26.39 2.76 2.89
CA GLY A 130 -25.22 1.94 2.66
C GLY A 130 -24.74 1.29 3.93
N ASN A 131 -23.59 0.61 3.81
CA ASN A 131 -23.10 -0.16 4.95
C ASN A 131 -22.65 0.68 6.12
N ILE A 132 -22.25 1.93 5.85
CA ILE A 132 -21.75 2.82 6.87
C ILE A 132 -22.88 3.53 7.56
N LEU A 133 -23.58 4.42 6.85
CA LEU A 133 -24.69 5.15 7.53
C LEU A 133 -25.87 4.27 7.87
N GLY A 134 -25.99 3.11 7.22
CA GLY A 134 -27.00 2.12 7.60
C GLY A 134 -26.60 1.16 8.68
N HIS A 135 -25.42 1.29 9.21
CA HIS A 135 -24.96 0.42 10.33
C HIS A 135 -25.09 -1.10 10.04
N LYS A 136 -24.48 -1.51 8.93
CA LYS A 136 -24.55 -2.88 8.46
C LYS A 136 -23.25 -3.63 8.70
N LEU A 137 -22.28 -3.04 9.38
CA LEU A 137 -20.99 -3.67 9.61
C LEU A 137 -21.00 -4.46 10.92
N GLU A 138 -20.39 -5.61 10.88
CA GLU A 138 -20.24 -6.43 12.12
C GLU A 138 -19.29 -5.75 13.10
N TYR A 139 -19.54 -6.00 14.38
CA TYR A 139 -18.71 -5.44 15.43
C TYR A 139 -17.54 -6.38 15.66
N ASN A 140 -16.58 -6.27 14.76
CA ASN A 140 -15.39 -7.15 14.81
C ASN A 140 -14.31 -6.47 13.95
N PHE A 141 -13.15 -7.10 13.84
CA PHE A 141 -12.01 -6.47 13.15
C PHE A 141 -11.07 -7.52 12.69
N ASN A 142 -10.53 -7.47 11.50
CA ASN A 142 -9.58 -8.39 10.96
C ASN A 142 -8.16 -7.91 11.21
N SER A 143 -7.24 -8.81 10.99
CA SER A 143 -5.82 -8.53 11.01
CA SER A 143 -5.82 -8.54 11.01
C SER A 143 -5.36 -7.99 9.60
N HIS A 144 -4.49 -6.98 9.62
CA HIS A 144 -4.05 -6.32 8.38
C HIS A 144 -2.57 -6.06 8.41
N ASN A 145 -1.98 -5.83 7.24
CA ASN A 145 -0.60 -5.36 7.11
C ASN A 145 -0.66 -3.91 6.57
N VAL A 146 0.08 -3.05 7.27
CA VAL A 146 0.19 -1.60 6.92
C VAL A 146 1.51 -1.45 6.21
N TYR A 147 1.51 -1.16 4.90
CA TYR A 147 2.73 -1.09 4.15
C TYR A 147 3.33 0.30 4.16
N ILE A 148 4.52 0.45 4.67
CA ILE A 148 5.18 1.71 4.88
C ILE A 148 6.35 1.92 3.97
N THR A 149 6.47 3.14 3.40
CA THR A 149 7.60 3.54 2.63
C THR A 149 8.06 4.94 3.05
N ALA A 150 9.30 5.24 2.85
CA ALA A 150 9.80 6.59 3.13
C ALA A 150 9.22 7.60 2.14
N ASP A 151 9.00 8.80 2.65
CA ASP A 151 8.56 9.97 1.83
C ASP A 151 9.62 11.01 2.04
N LYS A 152 10.73 10.87 1.38
CA LYS A 152 11.86 11.74 1.63
C LYS A 152 11.53 13.21 1.31
N GLN A 153 10.69 13.42 0.30
CA GLN A 153 10.35 14.79 -0.10
C GLN A 153 9.70 15.56 1.04
N LYS A 154 9.04 14.91 1.96
CA LYS A 154 8.42 15.51 3.11
C LYS A 154 9.09 15.17 4.44
N ASN A 155 10.23 14.54 4.39
CA ASN A 155 10.92 14.09 5.59
C ASN A 155 10.03 13.22 6.50
N GLY A 156 9.26 12.33 5.87
CA GLY A 156 8.31 11.52 6.53
C GLY A 156 8.11 10.14 5.95
N ILE A 157 6.90 9.67 6.08
CA ILE A 157 6.54 8.36 5.54
C ILE A 157 5.20 8.42 4.88
N LYS A 158 4.94 7.44 4.04
CA LYS A 158 3.64 7.18 3.49
C LYS A 158 3.25 5.75 3.81
N ALA A 159 2.00 5.44 3.89
CA ALA A 159 1.54 4.06 4.04
C ALA A 159 0.31 3.83 3.24
N ASN A 160 0.08 2.56 2.84
CA ASN A 160 -1.09 2.20 2.12
C ASN A 160 -1.55 0.87 2.58
N PHE A 161 -2.80 0.61 2.70
CA PHE A 161 -3.34 -0.68 3.16
C PHE A 161 -4.79 -0.75 2.87
N LYS A 162 -5.34 -1.94 2.89
CA LYS A 162 -6.71 -2.24 2.65
C LYS A 162 -7.36 -2.75 3.89
N ILE A 163 -8.30 -2.14 4.49
CA ILE A 163 -9.07 -2.66 5.62
C ILE A 163 -10.25 -3.38 5.10
N ARG A 164 -10.50 -4.58 5.64
CA ARG A 164 -11.64 -5.45 5.28
C ARG A 164 -12.61 -5.40 6.40
N HIS A 165 -13.75 -4.80 6.27
CA HIS A 165 -14.78 -4.79 7.30
C HIS A 165 -15.84 -5.84 6.96
N ASN A 166 -16.06 -6.81 7.83
CA ASN A 166 -17.10 -7.80 7.58
C ASN A 166 -18.49 -7.17 7.67
N VAL A 167 -19.34 -7.46 6.72
CA VAL A 167 -20.69 -6.91 6.69
C VAL A 167 -21.68 -7.98 7.17
N GLU A 168 -22.78 -7.57 7.71
CA GLU A 168 -23.82 -8.49 8.28
C GLU A 168 -24.34 -9.40 7.23
N ASP A 169 -24.31 -9.13 5.94
CA ASP A 169 -24.87 -10.02 4.94
C ASP A 169 -23.81 -10.96 4.38
N GLY A 170 -22.67 -11.08 5.00
CA GLY A 170 -21.64 -12.00 4.57
C GLY A 170 -20.60 -11.47 3.61
N SER A 171 -20.87 -10.29 3.08
CA SER A 171 -19.94 -9.61 2.16
C SER A 171 -18.86 -8.93 3.03
N VAL A 172 -17.90 -8.34 2.31
CA VAL A 172 -16.82 -7.54 2.91
C VAL A 172 -16.82 -6.14 2.33
N GLN A 173 -16.76 -5.19 3.20
CA GLN A 173 -16.72 -3.74 2.84
C GLN A 173 -15.25 -3.38 2.89
N LEU A 174 -14.71 -3.07 1.71
CA LEU A 174 -13.35 -2.61 1.62
CA LEU A 174 -13.35 -2.61 1.61
C LEU A 174 -13.15 -1.11 1.91
N ALA A 175 -12.10 -0.80 2.65
CA ALA A 175 -11.76 0.61 2.94
C ALA A 175 -10.31 0.77 2.55
N ASP A 176 -10.04 1.42 1.42
CA ASP A 176 -8.65 1.67 0.99
C ASP A 176 -8.07 2.82 1.75
N HIS A 177 -6.96 2.68 2.42
CA HIS A 177 -6.30 3.68 3.22
C HIS A 177 -5.05 4.21 2.57
N TYR A 178 -4.99 5.55 2.35
CA TYR A 178 -3.79 6.25 1.92
C TYR A 178 -3.39 7.13 3.03
N GLN A 179 -2.16 7.03 3.49
CA GLN A 179 -1.67 7.73 4.68
C GLN A 179 -0.36 8.43 4.46
N GLN A 180 -0.22 9.60 5.06
CA GLN A 180 1.01 10.36 5.01
C GLN A 180 1.32 10.88 6.39
N ASN A 181 2.57 10.84 6.81
CA ASN A 181 2.96 11.35 8.14
C ASN A 181 4.18 12.20 7.99
N THR A 182 4.15 13.37 8.67
CA THR A 182 5.26 14.36 8.61
C THR A 182 5.59 14.81 10.02
N PRO A 183 6.84 15.02 10.34
CA PRO A 183 7.17 15.42 11.69
C PRO A 183 6.69 16.86 11.99
N ILE A 184 6.30 17.07 13.23
CA ILE A 184 5.95 18.44 13.70
C ILE A 184 7.20 19.24 14.01
N GLY A 185 8.20 18.65 14.62
CA GLY A 185 9.42 19.40 15.01
C GLY A 185 10.47 19.35 13.89
N ASP A 186 11.58 20.07 14.16
CA ASP A 186 12.66 20.17 13.21
C ASP A 186 13.82 19.26 13.47
N GLY A 187 13.76 18.43 14.50
CA GLY A 187 14.90 17.54 14.82
C GLY A 187 14.98 16.38 13.81
N PRO A 188 16.07 15.65 13.82
CA PRO A 188 16.25 14.52 12.94
C PRO A 188 15.30 13.41 13.20
N VAL A 189 14.86 12.76 12.13
CA VAL A 189 13.97 11.60 12.25
C VAL A 189 14.56 10.44 11.47
N LEU A 190 13.99 9.27 11.70
CA LEU A 190 14.48 8.08 10.99
C LEU A 190 13.54 7.86 9.81
N LEU A 191 14.09 7.74 8.64
CA LEU A 191 13.35 7.43 7.42
C LEU A 191 13.61 5.99 7.11
N PRO A 192 12.54 5.21 7.00
CA PRO A 192 12.71 3.73 6.93
C PRO A 192 12.84 3.18 5.50
N ASP A 193 13.42 2.00 5.45
CA ASP A 193 13.29 1.16 4.29
C ASP A 193 11.87 0.58 4.26
N ASN A 194 11.45 0.09 3.13
CA ASN A 194 10.09 -0.47 3.00
C ASN A 194 9.88 -1.61 4.01
N HIS A 195 8.78 -1.59 4.70
CA HIS A 195 8.42 -2.64 5.65
C HIS A 195 6.94 -2.58 5.92
N TYR A 196 6.40 -3.36 6.84
CA TYR A 196 5.02 -3.31 7.18
C TYR A 196 4.80 -3.46 8.66
N LEU A 197 3.63 -3.06 9.10
CA LEU A 197 3.19 -3.33 10.47
C LEU A 197 2.08 -4.37 10.35
N SER A 198 2.21 -5.42 11.17
CA SER A 198 1.20 -6.51 11.24
C SER A 198 0.33 -6.16 12.42
N THR A 199 -0.93 -6.03 12.18
CA THR A 199 -1.88 -5.52 13.16
CA THR A 199 -1.87 -5.52 13.17
C THR A 199 -2.99 -6.58 13.51
N PHE A 200 -3.33 -6.67 14.81
CA PHE A 200 -4.25 -7.65 15.31
C PHE A 200 -5.14 -6.95 16.31
N SER A 201 -6.47 -6.97 16.19
CA SER A 201 -7.32 -6.04 16.97
C SER A 201 -8.52 -6.82 17.48
N VAL A 202 -8.94 -6.64 18.74
CA VAL A 202 -10.08 -7.26 19.30
C VAL A 202 -11.00 -6.19 19.84
N LEU A 203 -12.23 -6.14 19.42
CA LEU A 203 -13.25 -5.18 19.86
C LEU A 203 -14.20 -5.79 20.81
N SER A 204 -14.57 -5.15 21.89
CA SER A 204 -15.46 -5.68 22.88
C SER A 204 -16.32 -4.52 23.49
N LYS A 205 -17.20 -4.87 24.36
CA LYS A 205 -18.07 -3.94 25.06
C LYS A 205 -17.88 -4.06 26.55
N ASP A 206 -18.15 -3.01 27.29
CA ASP A 206 -18.17 -2.98 28.72
C ASP A 206 -19.63 -3.18 29.10
N PRO A 207 -19.97 -4.28 29.76
CA PRO A 207 -21.36 -4.60 30.06
C PRO A 207 -22.08 -3.54 30.91
N ASN A 208 -21.35 -2.78 31.70
CA ASN A 208 -22.04 -1.77 32.52
C ASN A 208 -22.03 -0.38 31.95
N GLU A 209 -21.55 -0.23 30.73
CA GLU A 209 -21.42 1.10 30.13
C GLU A 209 -22.66 1.45 29.30
N LYS A 210 -23.36 2.49 29.72
CA LYS A 210 -24.54 2.96 29.04
C LYS A 210 -24.30 3.86 27.84
N ARG A 211 -23.15 4.50 27.78
CA ARG A 211 -22.82 5.33 26.61
C ARG A 211 -22.46 4.44 25.41
N ASP A 212 -22.59 4.96 24.21
CA ASP A 212 -22.16 4.25 23.01
C ASP A 212 -20.66 4.23 23.07
N HIS A 213 -20.03 3.04 22.94
CA HIS A 213 -18.60 2.92 23.23
C HIS A 213 -17.96 1.73 22.55
N MET A 214 -16.65 1.73 22.60
CA MET A 214 -15.83 0.58 22.03
C MET A 214 -14.68 0.35 22.93
N VAL A 215 -14.44 -0.91 23.35
CA VAL A 215 -13.24 -1.32 24.07
C VAL A 215 -12.36 -2.01 23.01
N LEU A 216 -11.11 -1.67 22.96
CA LEU A 216 -10.16 -2.16 21.95
C LEU A 216 -8.90 -2.68 22.61
N LEU A 217 -8.45 -3.81 22.14
CA LEU A 217 -7.13 -4.38 22.49
C LEU A 217 -6.44 -4.60 21.19
N GLU A 218 -5.21 -4.15 21.00
CA GLU A 218 -4.47 -4.24 19.74
C GLU A 218 -3.06 -4.68 19.93
N PHE A 219 -2.51 -5.52 19.07
CA PHE A 219 -1.11 -5.85 19.01
C PHE A 219 -0.60 -5.44 17.64
N VAL A 220 0.52 -4.74 17.64
CA VAL A 220 1.15 -4.27 16.37
C VAL A 220 2.61 -4.56 16.35
N THR A 221 3.12 -5.30 15.38
CA THR A 221 4.49 -5.64 15.27
C THR A 221 5.02 -5.32 13.87
N ALA A 222 6.19 -4.69 13.81
CA ALA A 222 6.83 -4.46 12.53
C ALA A 222 7.49 -5.67 11.96
N ALA A 223 7.51 -5.80 10.65
CA ALA A 223 8.08 -6.96 9.94
C ALA A 223 8.41 -6.60 8.51
N GLY A 224 8.92 -7.51 7.71
CA GLY A 224 9.22 -7.30 6.34
C GLY A 224 10.63 -6.93 5.99
N ILE A 225 11.53 -6.89 6.95
CA ILE A 225 12.96 -6.67 6.70
C ILE A 225 13.74 -7.82 7.29
N LYS B 1 -14.12 -9.33 -11.27
CA LYS B 1 -13.68 -9.67 -9.93
C LYS B 1 -12.22 -9.30 -9.61
N GLY B 2 -11.30 -9.69 -10.48
CA GLY B 2 -9.93 -9.37 -10.24
C GLY B 2 -9.66 -7.90 -10.19
N GLU B 3 -10.45 -7.12 -10.94
CA GLU B 3 -10.28 -5.70 -11.00
C GLU B 3 -10.43 -5.07 -9.62
N GLU B 4 -11.23 -5.68 -8.76
CA GLU B 4 -11.46 -5.14 -7.43
C GLU B 4 -10.24 -5.17 -6.56
N LEU B 5 -9.25 -5.97 -6.89
CA LEU B 5 -8.03 -6.04 -6.11
C LEU B 5 -7.10 -4.85 -6.29
N PHE B 6 -7.41 -4.01 -7.29
CA PHE B 6 -6.52 -2.94 -7.68
C PHE B 6 -7.01 -1.54 -7.31
N THR B 7 -8.08 -1.43 -6.54
CA THR B 7 -8.47 -0.08 -6.04
C THR B 7 -7.37 0.35 -5.02
N GLY B 8 -7.13 1.61 -4.87
CA GLY B 8 -6.05 1.81 -3.81
C GLY B 8 -4.65 1.63 -4.31
N VAL B 9 -3.67 1.59 -3.48
CA VAL B 9 -2.26 1.50 -3.76
C VAL B 9 -1.76 0.12 -3.27
N VAL B 10 -1.18 -0.64 -4.17
CA VAL B 10 -0.84 -2.05 -3.92
C VAL B 10 0.69 -2.22 -3.93
N PRO B 11 1.26 -2.92 -2.93
CA PRO B 11 2.67 -3.15 -2.93
C PRO B 11 3.11 -4.05 -4.06
N ILE B 12 4.29 -3.85 -4.60
CA ILE B 12 4.86 -4.65 -5.70
C ILE B 12 6.22 -5.14 -5.32
N LEU B 13 6.51 -6.39 -5.71
CA LEU B 13 7.85 -6.99 -5.60
C LEU B 13 8.22 -7.47 -6.96
N VAL B 14 9.41 -7.22 -7.44
CA VAL B 14 9.88 -7.73 -8.73
C VAL B 14 11.20 -8.41 -8.47
N GLU B 15 11.35 -9.64 -9.04
CA GLU B 15 12.58 -10.46 -8.93
C GLU B 15 12.93 -10.94 -10.30
N LEU B 16 14.12 -10.62 -10.78
CA LEU B 16 14.57 -11.06 -12.12
C LEU B 16 15.92 -11.76 -11.97
N ASP B 17 16.03 -12.91 -12.59
CA ASP B 17 17.32 -13.61 -12.78
C ASP B 17 17.63 -13.63 -14.24
N GLY B 18 18.79 -13.11 -14.64
CA GLY B 18 19.15 -12.98 -16.04
C GLY B 18 20.49 -13.56 -16.40
N ASP B 19 20.66 -13.92 -17.67
CA ASP B 19 21.91 -14.42 -18.21
C ASP B 19 21.97 -13.85 -19.63
N VAL B 20 22.88 -12.96 -19.90
CA VAL B 20 23.01 -12.36 -21.26
C VAL B 20 24.43 -12.69 -21.75
N ASN B 21 24.53 -13.45 -22.80
CA ASN B 21 25.85 -13.86 -23.33
C ASN B 21 26.71 -14.48 -22.26
N GLY B 22 26.08 -15.19 -21.34
CA GLY B 22 26.78 -15.85 -20.25
C GLY B 22 27.00 -14.97 -19.02
N HIS B 23 26.72 -13.71 -19.08
CA HIS B 23 26.86 -12.80 -17.95
C HIS B 23 25.62 -12.95 -17.10
N LYS B 24 25.75 -13.51 -15.91
CA LYS B 24 24.63 -13.72 -14.99
C LYS B 24 24.43 -12.54 -14.08
N PHE B 25 23.19 -12.21 -13.80
CA PHE B 25 22.87 -11.08 -12.92
C PHE B 25 21.51 -11.28 -12.29
N SER B 26 21.24 -10.56 -11.19
CA SER B 26 19.94 -10.53 -10.61
C SER B 26 19.51 -9.11 -10.28
N VAL B 27 18.22 -8.85 -10.38
CA VAL B 27 17.66 -7.56 -10.00
C VAL B 27 16.55 -7.80 -9.05
N ARG B 28 16.40 -6.97 -8.04
CA ARG B 28 15.26 -7.00 -7.16
C ARG B 28 14.61 -5.63 -7.11
N GLY B 29 13.32 -5.49 -7.19
CA GLY B 29 12.62 -4.22 -7.14
C GLY B 29 11.52 -4.24 -6.17
N GLU B 30 11.20 -3.09 -5.60
CA GLU B 30 10.09 -2.95 -4.69
C GLU B 30 9.43 -1.58 -4.97
N GLY B 31 8.15 -1.50 -4.76
CA GLY B 31 7.45 -0.25 -4.91
C GLY B 31 5.99 -0.45 -4.80
N GLU B 32 5.20 0.34 -5.51
CA GLU B 32 3.77 0.36 -5.36
C GLU B 32 3.10 0.75 -6.64
N GLY B 33 1.87 0.34 -6.85
CA GLY B 33 1.09 0.60 -8.02
C GLY B 33 -0.26 1.11 -7.72
N ASP B 34 -0.73 2.12 -8.45
CA ASP B 34 -2.04 2.79 -8.27
C ASP B 34 -2.77 2.70 -9.58
N ALA B 35 -3.48 1.63 -9.83
CA ALA B 35 -4.14 1.40 -11.08
C ALA B 35 -5.18 2.42 -11.41
N THR B 36 -5.82 2.98 -10.42
CA THR B 36 -6.84 4.01 -10.66
C THR B 36 -6.26 5.18 -11.46
N ASN B 37 -5.00 5.50 -11.20
CA ASN B 37 -4.33 6.58 -11.91
C ASN B 37 -3.28 6.06 -12.88
N GLY B 38 -3.23 4.76 -13.09
CA GLY B 38 -2.26 4.12 -13.95
C GLY B 38 -0.82 4.39 -13.58
N LYS B 39 -0.53 4.52 -12.31
CA LYS B 39 0.81 5.02 -11.87
C LYS B 39 1.60 3.97 -11.08
N LEU B 40 2.85 3.78 -11.44
CA LEU B 40 3.80 2.90 -10.78
C LEU B 40 4.99 3.67 -10.26
N THR B 41 5.48 3.35 -9.07
CA THR B 41 6.71 3.93 -8.54
C THR B 41 7.50 2.71 -8.02
N LEU B 42 8.71 2.50 -8.51
CA LEU B 42 9.56 1.38 -8.09
C LEU B 42 10.98 1.73 -8.03
N LYS B 43 11.76 1.06 -7.16
CA LYS B 43 13.21 1.16 -7.13
C LYS B 43 13.76 -0.25 -7.35
N PHE B 44 14.71 -0.38 -8.22
CA PHE B 44 15.37 -1.68 -8.55
C PHE B 44 16.79 -1.56 -8.21
N ILE B 45 17.33 -2.66 -7.65
CA ILE B 45 18.75 -2.81 -7.36
CA ILE B 45 18.76 -2.80 -7.37
C ILE B 45 19.37 -4.05 -8.10
N CYS B 46 20.52 -3.91 -8.63
CA CYS B 46 21.26 -5.12 -9.15
C CYS B 46 21.94 -5.68 -7.96
N THR B 47 21.47 -6.84 -7.54
CA THR B 47 22.01 -7.52 -6.31
C THR B 47 23.30 -8.26 -6.55
N THR B 48 23.75 -8.33 -7.79
CA THR B 48 24.98 -9.05 -8.11
C THR B 48 26.09 -8.15 -8.52
N GLY B 49 26.01 -6.85 -8.16
CA GLY B 49 27.11 -5.95 -8.48
C GLY B 49 26.73 -5.03 -9.65
N LYS B 50 27.59 -4.96 -10.63
CA LYS B 50 27.37 -4.07 -11.78
C LYS B 50 26.44 -4.82 -12.78
N LEU B 51 25.44 -4.14 -13.27
CA LEU B 51 24.52 -4.74 -14.23
C LEU B 51 25.28 -4.85 -15.54
N PRO B 52 25.25 -5.97 -16.25
CA PRO B 52 26.02 -6.18 -17.45
C PRO B 52 25.36 -5.67 -18.74
N VAL B 53 24.14 -5.17 -18.59
CA VAL B 53 23.41 -4.57 -19.71
C VAL B 53 22.85 -3.22 -19.22
N PRO B 54 22.46 -2.34 -20.11
CA PRO B 54 21.91 -1.07 -19.63
C PRO B 54 20.57 -1.20 -18.96
N TRP B 55 20.36 -0.46 -17.88
CA TRP B 55 19.07 -0.44 -17.20
C TRP B 55 17.90 -0.28 -18.12
N PRO B 56 17.96 0.66 -19.06
CA PRO B 56 16.80 0.87 -19.91
C PRO B 56 16.38 -0.40 -20.64
N THR B 57 17.30 -1.29 -21.01
CA THR B 57 16.94 -2.52 -21.74
C THR B 57 16.08 -3.40 -20.91
N LEU B 58 16.00 -3.27 -19.61
CA LEU B 58 15.20 -4.17 -18.71
C LEU B 58 13.88 -3.57 -18.28
N VAL B 59 13.61 -2.28 -18.62
CA VAL B 59 12.37 -1.64 -18.17
C VAL B 59 11.09 -2.42 -18.50
N THR B 60 10.98 -2.83 -19.77
CA THR B 60 9.75 -3.52 -20.16
C THR B 60 9.58 -4.86 -19.49
N THR B 61 10.70 -5.55 -19.17
CA THR B 61 10.64 -6.87 -18.52
C THR B 61 10.24 -6.72 -17.07
N LEU B 62 10.85 -5.70 -16.39
CA LEU B 62 10.60 -5.42 -14.97
C LEU B 62 9.19 -4.84 -14.73
N1 CRO B 63 8.76 -3.97 -15.63
CA1 CRO B 63 7.42 -3.35 -15.54
CB1 CRO B 63 7.47 -1.88 -15.13
CG1 CRO B 63 8.02 -1.83 -13.74
OG1 CRO B 63 8.14 -1.13 -16.09
C1 CRO B 63 6.77 -3.57 -16.90
N2 CRO B 63 6.72 -2.68 -17.86
N3 CRO B 63 6.17 -4.75 -17.26
C2 CRO B 63 5.78 -4.60 -18.50
O2 CRO B 63 5.20 -5.56 -19.18
CA2 CRO B 63 6.10 -3.30 -18.94
CA3 CRO B 63 6.12 -6.03 -16.51
C3 CRO B 63 4.93 -6.26 -15.69
O3 CRO B 63 4.66 -7.46 -15.43
CB2 CRO B 63 5.87 -2.81 -20.27
CG2 CRO B 63 6.23 -1.51 -20.83
CD1 CRO B 63 6.88 -0.46 -20.14
CD2 CRO B 63 5.98 -1.28 -22.18
CE1 CRO B 63 7.23 0.71 -20.81
CE2 CRO B 63 6.33 -0.15 -22.78
CZ CRO B 63 6.94 0.91 -22.10
OH CRO B 63 7.22 2.09 -22.73
N VAL B 64 4.24 -5.18 -15.30
CA VAL B 64 3.10 -5.37 -14.42
C VAL B 64 1.97 -4.60 -14.99
N GLN B 65 1.49 -5.02 -16.13
CA GLN B 65 0.51 -4.25 -16.96
C GLN B 65 -0.86 -4.33 -16.34
N CYS B 66 -1.06 -5.12 -15.27
CA CYS B 66 -2.24 -5.11 -14.47
C CYS B 66 -2.41 -3.75 -13.75
N PHE B 67 -1.39 -2.88 -13.68
CA PHE B 67 -1.55 -1.57 -13.08
C PHE B 67 -1.94 -0.50 -14.08
N SER B 68 -2.24 -0.87 -15.30
CA SER B 68 -2.68 0.10 -16.30
C SER B 68 -3.99 0.66 -15.92
N ARG B 69 -4.22 1.98 -16.25
CA ARG B 69 -5.55 2.55 -16.07
C ARG B 69 -6.39 2.17 -17.26
N TYR B 70 -7.46 1.46 -17.04
CA TYR B 70 -8.46 1.26 -18.09
C TYR B 70 -9.61 2.23 -17.79
N PRO B 71 -9.95 3.10 -18.72
CA PRO B 71 -11.09 3.97 -18.51
C PRO B 71 -12.38 3.18 -18.33
N ASP B 72 -13.38 3.77 -17.73
CA ASP B 72 -14.58 3.02 -17.39
C ASP B 72 -15.21 2.33 -18.59
N HIS B 73 -15.22 3.02 -19.72
CA HIS B 73 -15.83 2.43 -20.89
C HIS B 73 -15.01 1.32 -21.50
N MET B 74 -13.78 1.15 -21.08
CA MET B 74 -12.95 0.04 -21.58
C MET B 74 -12.70 -1.08 -20.56
N LYS B 75 -13.38 -1.08 -19.46
CA LYS B 75 -13.06 -2.05 -18.38
C LYS B 75 -13.29 -3.48 -18.86
N ARG B 76 -14.16 -3.72 -19.81
CA ARG B 76 -14.32 -5.12 -20.23
C ARG B 76 -13.18 -5.64 -21.04
N HIS B 77 -12.18 -4.81 -21.36
CA HIS B 77 -11.07 -5.22 -22.13
C HIS B 77 -9.80 -5.43 -21.31
N ASP B 78 -9.91 -5.38 -19.98
CA ASP B 78 -8.75 -5.52 -19.12
C ASP B 78 -8.47 -7.01 -18.77
N PHE B 79 -7.72 -7.65 -19.62
CA PHE B 79 -7.38 -9.05 -19.35
C PHE B 79 -6.52 -9.20 -18.12
N PHE B 80 -5.58 -8.28 -17.92
CA PHE B 80 -4.57 -8.42 -16.92
C PHE B 80 -5.15 -8.52 -15.54
N LYS B 81 -6.05 -7.61 -15.15
CA LYS B 81 -6.67 -7.71 -13.86
C LYS B 81 -7.61 -8.88 -13.73
N SER B 82 -8.29 -9.24 -14.83
CA SER B 82 -9.28 -10.33 -14.77
C SER B 82 -8.61 -11.67 -14.42
N ALA B 83 -7.33 -11.81 -14.69
CA ALA B 83 -6.59 -13.05 -14.36
C ALA B 83 -6.17 -13.10 -12.94
N MET B 84 -6.36 -12.08 -12.12
CA MET B 84 -5.94 -12.04 -10.76
C MET B 84 -7.01 -12.58 -9.83
N PRO B 85 -6.68 -13.15 -8.67
CA PRO B 85 -5.32 -13.16 -8.13
C PRO B 85 -4.39 -14.30 -8.56
N GLU B 86 -4.91 -15.27 -9.26
CA GLU B 86 -4.08 -16.41 -9.66
C GLU B 86 -2.96 -16.02 -10.57
N GLY B 87 -3.23 -15.03 -11.41
CA GLY B 87 -2.21 -14.38 -12.25
C GLY B 87 -2.07 -14.89 -13.65
N TYR B 88 -0.96 -14.49 -14.26
CA TYR B 88 -0.69 -14.86 -15.62
C TYR B 88 0.77 -15.07 -15.86
N VAL B 89 1.07 -15.80 -16.91
CA VAL B 89 2.42 -15.95 -17.45
C VAL B 89 2.61 -14.98 -18.53
N GLN B 90 3.67 -14.19 -18.49
CA GLN B 90 4.02 -13.18 -19.53
C GLN B 90 5.28 -13.66 -20.18
N GLU B 91 5.27 -13.93 -21.48
CA GLU B 91 6.48 -14.34 -22.20
C GLU B 91 6.77 -13.34 -23.28
N ARG B 92 8.03 -12.99 -23.48
CA ARG B 92 8.42 -12.13 -24.56
C ARG B 92 9.67 -12.59 -25.29
N THR B 93 9.77 -12.26 -26.58
CA THR B 93 11.00 -12.15 -27.28
C THR B 93 11.24 -10.70 -27.61
N ILE B 94 12.41 -10.20 -27.29
CA ILE B 94 12.82 -8.81 -27.54
C ILE B 94 14.00 -8.88 -28.48
N SER B 95 13.81 -8.40 -29.71
CA SER B 95 14.87 -8.40 -30.70
CA SER B 95 14.85 -8.41 -30.69
C SER B 95 15.52 -7.01 -30.87
N PHE B 96 16.77 -6.89 -30.48
CA PHE B 96 17.48 -5.60 -30.65
C PHE B 96 17.99 -5.54 -32.05
N LYS B 97 17.61 -4.54 -32.81
CA LYS B 97 18.01 -4.44 -34.20
C LYS B 97 19.53 -4.39 -34.34
N ASP B 98 20.04 -5.28 -35.19
CA ASP B 98 21.44 -5.48 -35.48
C ASP B 98 22.23 -5.92 -34.25
N ASP B 99 21.53 -6.55 -33.34
CA ASP B 99 22.16 -7.04 -32.10
C ASP B 99 21.43 -8.27 -31.62
N GLY B 100 21.60 -8.57 -30.36
CA GLY B 100 21.07 -9.79 -29.74
C GLY B 100 19.61 -9.80 -29.44
N THR B 101 19.16 -10.86 -28.82
CA THR B 101 17.80 -11.08 -28.40
CA THR B 101 17.81 -11.10 -28.42
C THR B 101 17.63 -11.45 -26.91
N TYR B 102 16.61 -10.93 -26.28
CA TYR B 102 16.21 -11.40 -24.96
C TYR B 102 15.03 -12.30 -25.12
N LYS B 103 14.97 -13.38 -24.35
CA LYS B 103 13.77 -14.20 -24.16
C LYS B 103 13.41 -14.14 -22.72
N THR B 104 12.18 -13.87 -22.37
CA THR B 104 11.74 -13.76 -21.00
C THR B 104 10.52 -14.51 -20.69
N ARG B 105 10.46 -15.06 -19.48
CA ARG B 105 9.26 -15.75 -18.96
C ARG B 105 9.02 -15.24 -17.57
N ALA B 106 7.86 -14.76 -17.29
CA ALA B 106 7.51 -14.18 -15.98
C ALA B 106 6.20 -14.67 -15.50
N GLU B 107 6.06 -14.86 -14.20
CA GLU B 107 4.77 -15.05 -13.59
C GLU B 107 4.39 -13.85 -12.76
N VAL B 108 3.23 -13.33 -13.01
CA VAL B 108 2.69 -12.10 -12.35
C VAL B 108 1.48 -12.50 -11.59
N LYS B 109 1.49 -12.39 -10.26
CA LYS B 109 0.38 -12.94 -9.45
C LYS B 109 0.39 -12.26 -8.06
N PHE B 110 -0.65 -12.41 -7.34
CA PHE B 110 -0.64 -11.94 -5.95
C PHE B 110 -0.04 -12.99 -5.02
N GLU B 111 0.77 -12.60 -4.09
CA GLU B 111 1.24 -13.42 -2.97
C GLU B 111 0.80 -12.67 -1.75
N GLY B 112 -0.29 -13.01 -1.14
CA GLY B 112 -0.84 -12.26 -0.07
C GLY B 112 -1.35 -10.89 -0.64
N ASP B 113 -0.90 -9.77 -0.02
CA ASP B 113 -1.34 -8.48 -0.48
C ASP B 113 -0.43 -7.93 -1.58
N THR B 114 0.67 -8.58 -1.90
CA THR B 114 1.65 -8.05 -2.81
C THR B 114 1.56 -8.58 -4.21
N LEU B 115 1.64 -7.73 -5.21
CA LEU B 115 1.67 -8.14 -6.61
C LEU B 115 3.09 -8.43 -6.87
N VAL B 116 3.38 -9.67 -7.31
CA VAL B 116 4.74 -10.14 -7.55
C VAL B 116 4.97 -10.42 -9.03
N ASN B 117 6.07 -9.95 -9.56
CA ASN B 117 6.54 -10.22 -10.90
C ASN B 117 7.86 -10.98 -10.76
N ARG B 118 7.88 -12.24 -11.10
CA ARG B 118 9.11 -13.10 -11.02
C ARG B 118 9.49 -13.50 -12.42
N ILE B 119 10.70 -13.17 -12.82
CA ILE B 119 11.12 -13.30 -14.23
C ILE B 119 12.44 -14.04 -14.39
N GLU B 120 12.49 -14.86 -15.46
CA GLU B 120 13.78 -15.39 -15.96
C GLU B 120 14.01 -14.79 -17.33
N LEU B 121 15.22 -14.32 -17.54
CA LEU B 121 15.63 -13.71 -18.79
C LEU B 121 16.87 -14.34 -19.34
N LYS B 122 16.86 -14.70 -20.60
CA LYS B 122 18.06 -15.23 -21.28
C LYS B 122 18.36 -14.42 -22.52
N GLY B 123 19.55 -13.91 -22.67
CA GLY B 123 19.96 -13.08 -23.79
C GLY B 123 21.08 -13.78 -24.55
N ILE B 124 21.03 -13.75 -25.86
CA ILE B 124 22.04 -14.36 -26.70
C ILE B 124 22.35 -13.58 -27.93
N ASP B 125 23.50 -13.81 -28.51
CA ASP B 125 23.95 -13.23 -29.78
C ASP B 125 24.21 -11.74 -29.71
N PHE B 126 24.54 -11.25 -28.54
CA PHE B 126 24.88 -9.80 -28.42
C PHE B 126 26.32 -9.56 -28.87
N LYS B 127 26.54 -8.41 -29.48
CA LYS B 127 27.85 -7.99 -29.95
C LYS B 127 28.60 -7.42 -28.75
N GLU B 128 29.87 -7.80 -28.62
CA GLU B 128 30.63 -7.43 -27.44
C GLU B 128 30.78 -5.92 -27.28
N ASP B 129 30.89 -5.23 -28.41
CA ASP B 129 31.01 -3.78 -28.39
C ASP B 129 29.86 -3.05 -29.03
N GLY B 130 28.71 -3.70 -29.00
CA GLY B 130 27.48 -3.12 -29.50
C GLY B 130 26.87 -2.21 -28.42
N ASN B 131 25.69 -1.72 -28.69
CA ASN B 131 25.07 -0.75 -27.78
C ASN B 131 24.69 -1.29 -26.45
N ILE B 132 24.43 -2.60 -26.37
CA ILE B 132 23.96 -3.22 -25.12
C ILE B 132 25.13 -3.61 -24.26
N LEU B 133 25.95 -4.55 -24.70
CA LEU B 133 27.12 -4.96 -23.89
C LEU B 133 28.15 -3.88 -23.78
N GLY B 134 28.17 -2.94 -24.72
CA GLY B 134 29.04 -1.79 -24.67
C GLY B 134 28.53 -0.64 -23.85
N HIS B 135 27.34 -0.77 -23.28
CA HIS B 135 26.79 0.29 -22.43
C HIS B 135 26.74 1.67 -23.12
N LYS B 136 26.14 1.72 -24.28
CA LYS B 136 26.08 2.96 -25.09
C LYS B 136 24.72 3.59 -25.07
N LEU B 137 23.79 3.11 -24.27
CA LEU B 137 22.44 3.63 -24.23
C LEU B 137 22.30 4.72 -23.19
N GLU B 138 21.59 5.77 -23.52
CA GLU B 138 21.32 6.88 -22.56
C GLU B 138 20.40 6.34 -21.44
N TYR B 139 20.53 6.93 -20.27
CA TYR B 139 19.76 6.59 -19.11
C TYR B 139 18.48 7.45 -19.17
N ASN B 140 17.57 7.00 -20.03
CA ASN B 140 16.27 7.65 -20.22
C ASN B 140 15.32 6.69 -20.92
N PHE B 141 14.10 7.09 -21.15
CA PHE B 141 13.07 6.19 -21.68
C PHE B 141 12.02 6.99 -22.41
N ASN B 142 11.61 6.55 -23.58
CA ASN B 142 10.62 7.18 -24.40
C ASN B 142 9.24 6.64 -24.11
N SER B 143 8.23 7.25 -24.70
CA SER B 143 6.84 6.90 -24.54
C SER B 143 6.45 5.97 -25.72
N HIS B 144 5.67 4.94 -25.44
CA HIS B 144 5.32 3.91 -26.45
C HIS B 144 3.88 3.52 -26.43
N ASN B 145 3.38 2.91 -27.48
CA ASN B 145 2.09 2.26 -27.55
C ASN B 145 2.32 0.75 -27.58
N VAL B 146 1.64 0.06 -26.68
CA VAL B 146 1.69 -1.44 -26.62
C VAL B 146 0.40 -1.94 -27.24
N TYR B 147 0.45 -2.56 -28.42
CA TYR B 147 -0.73 -2.99 -29.13
C TYR B 147 -1.19 -4.37 -28.75
N ILE B 148 -2.39 -4.47 -28.25
CA ILE B 148 -2.94 -5.73 -27.69
C ILE B 148 -4.02 -6.29 -28.56
N THR B 149 -3.98 -7.60 -28.73
CA THR B 149 -5.02 -8.37 -29.39
C THR B 149 -5.36 -9.63 -28.59
N ALA B 150 -6.56 -10.10 -28.71
CA ALA B 150 -6.96 -11.32 -28.04
C ALA B 150 -6.29 -12.53 -28.72
N ASP B 151 -6.05 -13.55 -27.90
CA ASP B 151 -5.58 -14.86 -28.35
C ASP B 151 -6.59 -15.83 -27.82
N LYS B 152 -7.68 -16.00 -28.50
CA LYS B 152 -8.76 -16.87 -27.97
C LYS B 152 -8.31 -18.32 -27.80
N GLN B 153 -7.46 -18.79 -28.71
CA GLN B 153 -7.05 -20.20 -28.64
C GLN B 153 -6.30 -20.48 -27.34
N LYS B 154 -5.60 -19.50 -26.80
CA LYS B 154 -4.85 -19.63 -25.56
C LYS B 154 -5.53 -19.04 -24.35
N ASN B 155 -6.75 -18.54 -24.53
CA ASN B 155 -7.47 -17.87 -23.46
C ASN B 155 -6.65 -16.73 -22.91
N GLY B 156 -5.98 -15.98 -23.79
CA GLY B 156 -5.10 -14.95 -23.39
C GLY B 156 -5.00 -13.82 -24.38
N ILE B 157 -3.85 -13.14 -24.37
CA ILE B 157 -3.62 -12.04 -25.25
C ILE B 157 -2.25 -12.10 -25.84
N LYS B 158 -2.05 -11.35 -26.91
CA LYS B 158 -0.79 -11.08 -27.51
C LYS B 158 -0.54 -9.60 -27.54
N ALA B 159 0.69 -9.18 -27.58
CA ALA B 159 1.00 -7.76 -27.76
C ALA B 159 2.24 -7.62 -28.61
N ASN B 160 2.35 -6.47 -29.30
CA ASN B 160 3.50 -6.23 -30.09
C ASN B 160 3.79 -4.72 -29.95
N PHE B 161 5.03 -4.36 -29.97
CA PHE B 161 5.42 -2.91 -29.91
C PHE B 161 6.87 -2.80 -30.17
N LYS B 162 7.36 -1.61 -30.46
CA LYS B 162 8.71 -1.32 -30.84
C LYS B 162 9.23 -0.32 -29.79
N ILE B 163 10.18 -0.63 -29.02
CA ILE B 163 10.84 0.25 -28.06
C ILE B 163 11.96 0.94 -28.75
N ARG B 164 12.05 2.28 -28.52
CA ARG B 164 13.11 3.14 -29.05
C ARG B 164 14.05 3.49 -27.94
N HIS B 165 15.28 3.04 -27.92
CA HIS B 165 16.26 3.36 -26.92
C HIS B 165 17.24 4.40 -27.48
N ASN B 166 17.27 5.60 -26.91
CA ASN B 166 18.25 6.59 -27.34
C ASN B 166 19.68 6.15 -27.03
N VAL B 167 20.54 6.30 -28.03
CA VAL B 167 21.94 5.98 -27.92
C VAL B 167 22.76 7.26 -27.66
N GLU B 168 23.87 7.08 -26.98
CA GLU B 168 24.74 8.25 -26.61
C GLU B 168 25.22 8.98 -27.80
N ASP B 169 25.29 8.44 -28.98
CA ASP B 169 25.80 9.12 -30.16
C ASP B 169 24.72 9.81 -30.97
N GLY B 170 23.50 9.90 -30.43
CA GLY B 170 22.41 10.47 -31.13
C GLY B 170 21.51 9.59 -31.96
N SER B 171 21.94 8.36 -32.14
CA SER B 171 21.12 7.35 -32.90
C SER B 171 20.10 6.78 -31.95
N VAL B 172 19.27 5.87 -32.51
CA VAL B 172 18.25 5.15 -31.79
C VAL B 172 18.40 3.65 -31.99
N GLN B 173 18.38 2.93 -30.93
CA GLN B 173 18.45 1.43 -30.92
C GLN B 173 17.02 0.95 -30.77
N LEU B 174 16.55 0.27 -31.82
CA LEU B 174 15.23 -0.33 -31.78
C LEU B 174 15.20 -1.73 -31.10
N ALA B 175 14.17 -1.96 -30.35
CA ALA B 175 13.97 -3.28 -29.66
C ALA B 175 12.54 -3.70 -29.94
N ASP B 176 12.37 -4.65 -30.91
CA ASP B 176 11.04 -5.11 -31.25
C ASP B 176 10.57 -6.12 -30.20
N HIS B 177 9.40 -5.96 -29.67
CA HIS B 177 8.83 -6.75 -28.61
C HIS B 177 7.63 -7.57 -29.11
N TYR B 178 7.69 -8.89 -28.83
CA TYR B 178 6.60 -9.79 -29.15
C TYR B 178 6.22 -10.43 -27.86
N GLN B 179 4.98 -10.37 -27.43
CA GLN B 179 4.52 -10.73 -26.14
C GLN B 179 3.29 -11.61 -26.17
N GLN B 180 3.22 -12.58 -25.23
CA GLN B 180 2.05 -13.41 -25.04
C GLN B 180 1.75 -13.53 -23.59
N ASN B 181 0.48 -13.52 -23.19
CA ASN B 181 0.09 -13.65 -21.79
C ASN B 181 -0.99 -14.71 -21.70
N THR B 182 -0.84 -15.63 -20.75
CA THR B 182 -1.79 -16.70 -20.52
C THR B 182 -2.17 -16.81 -19.06
N PRO B 183 -3.39 -17.05 -18.72
CA PRO B 183 -3.78 -17.16 -17.33
C PRO B 183 -3.16 -18.38 -16.64
N ILE B 184 -2.79 -18.19 -15.40
CA ILE B 184 -2.32 -19.35 -14.54
C ILE B 184 -3.48 -20.15 -14.05
N GLY B 185 -4.56 -19.53 -13.65
CA GLY B 185 -5.74 -20.23 -13.11
C GLY B 185 -6.73 -20.65 -14.20
N ASP B 186 -7.76 -21.34 -13.75
CA ASP B 186 -8.79 -21.87 -14.63
C ASP B 186 -10.05 -21.02 -14.66
N GLY B 187 -10.09 -19.96 -13.87
CA GLY B 187 -11.30 -19.11 -13.84
C GLY B 187 -11.42 -18.26 -15.12
N PRO B 188 -12.60 -17.70 -15.35
CA PRO B 188 -12.85 -16.96 -16.57
C PRO B 188 -12.07 -15.68 -16.60
N VAL B 189 -11.63 -15.29 -17.80
CA VAL B 189 -10.90 -14.03 -18.00
C VAL B 189 -11.59 -13.20 -19.09
N LEU B 190 -11.23 -11.93 -19.13
CA LEU B 190 -11.77 -11.05 -20.16
C LEU B 190 -10.82 -11.06 -21.35
N LEU B 191 -11.34 -11.34 -22.52
CA LEU B 191 -10.61 -11.31 -23.77
C LEU B 191 -10.99 -10.02 -24.47
N PRO B 192 -9.98 -9.20 -24.78
CA PRO B 192 -10.28 -7.85 -25.28
C PRO B 192 -10.40 -7.70 -26.77
N ASP B 193 -11.11 -6.66 -27.17
CA ASP B 193 -11.03 -6.18 -28.52
C ASP B 193 -9.66 -5.46 -28.67
N ASN B 194 -9.24 -5.23 -29.89
CA ASN B 194 -7.97 -4.59 -30.15
C ASN B 194 -7.89 -3.22 -29.50
N HIS B 195 -6.80 -2.94 -28.83
CA HIS B 195 -6.57 -1.64 -28.20
C HIS B 195 -5.12 -1.48 -27.92
N TYR B 196 -4.71 -0.40 -27.26
CA TYR B 196 -3.32 -0.22 -26.91
C TYR B 196 -3.15 0.35 -25.54
N LEU B 197 -1.99 0.18 -24.98
CA LEU B 197 -1.59 0.85 -23.73
C LEU B 197 -0.62 1.95 -24.12
N SER B 198 -0.86 3.14 -23.65
CA SER B 198 0.03 4.29 -23.86
C SER B 198 0.89 4.42 -22.65
N THR B 199 2.19 4.38 -22.80
CA THR B 199 3.15 4.32 -21.68
C THR B 199 4.04 5.58 -21.62
N PHE B 200 4.35 6.00 -20.40
CA PHE B 200 5.18 7.17 -20.17
C PHE B 200 6.07 6.85 -18.98
N SER B 201 7.38 7.07 -19.04
CA SER B 201 8.30 6.54 -17.98
C SER B 201 9.36 7.58 -17.69
N VAL B 202 9.75 7.74 -16.44
CA VAL B 202 10.84 8.56 -16.03
C VAL B 202 11.84 7.76 -15.21
N LEU B 203 13.06 7.69 -15.63
CA LEU B 203 14.16 7.00 -14.92
C LEU B 203 14.99 8.00 -14.15
N SER B 204 15.35 7.64 -12.93
CA SER B 204 16.14 8.54 -12.10
C SER B 204 17.04 7.74 -11.18
N LYS B 205 17.86 8.40 -10.43
CA LYS B 205 18.80 7.83 -9.50
C LYS B 205 18.50 8.34 -8.11
N ASP B 206 18.84 7.53 -7.10
CA ASP B 206 18.79 7.88 -5.71
C ASP B 206 20.19 8.35 -5.37
N PRO B 207 20.38 9.60 -5.01
CA PRO B 207 21.71 10.15 -4.75
C PRO B 207 22.43 9.49 -3.59
N ASN B 208 21.70 8.86 -2.67
CA ASN B 208 22.36 8.18 -1.56
C ASN B 208 22.58 6.71 -1.77
N GLU B 209 22.26 6.20 -2.93
CA GLU B 209 22.37 4.78 -3.19
C GLU B 209 23.66 4.46 -3.88
N LYS B 210 24.51 3.67 -3.22
CA LYS B 210 25.79 3.28 -3.79
C LYS B 210 25.72 2.05 -4.71
N ARG B 211 24.68 1.25 -4.60
CA ARG B 211 24.54 0.08 -5.46
C ARG B 211 24.06 0.48 -6.84
N ASP B 212 24.28 -0.33 -7.85
CA ASP B 212 23.81 -0.09 -9.20
C ASP B 212 22.34 -0.22 -9.14
N HIS B 213 21.56 0.78 -9.57
CA HIS B 213 20.13 0.81 -9.35
C HIS B 213 19.38 1.66 -10.33
N MET B 214 18.07 1.54 -10.32
CA MET B 214 17.17 2.37 -11.17
C MET B 214 15.95 2.76 -10.40
N VAL B 215 15.60 4.04 -10.33
CA VAL B 215 14.35 4.50 -9.79
C VAL B 215 13.43 4.79 -10.98
N LEU B 216 12.22 4.30 -10.95
CA LEU B 216 11.30 4.34 -12.12
C LEU B 216 9.95 4.92 -11.65
N LEU B 217 9.40 5.83 -12.45
CA LEU B 217 8.05 6.31 -12.30
C LEU B 217 7.41 6.03 -13.63
N GLU B 218 6.23 5.45 -13.68
CA GLU B 218 5.60 5.08 -14.93
C GLU B 218 4.11 5.44 -14.89
N PHE B 219 3.53 5.87 -15.98
CA PHE B 219 2.11 6.03 -16.17
C PHE B 219 1.71 5.20 -17.36
N VAL B 220 0.65 4.41 -17.23
CA VAL B 220 0.13 3.59 -18.33
C VAL B 220 -1.36 3.70 -18.43
N THR B 221 -1.91 4.04 -19.57
CA THR B 221 -3.32 4.23 -19.75
C THR B 221 -3.76 3.48 -21.01
N ALA B 222 -4.85 2.74 -20.91
CA ALA B 222 -5.43 2.09 -22.10
C ALA B 222 -6.15 3.06 -22.97
N ALA B 223 -6.16 2.83 -24.26
CA ALA B 223 -6.79 3.69 -25.26
C ALA B 223 -7.07 2.93 -26.54
N GLY B 224 -7.68 3.58 -27.51
CA GLY B 224 -7.96 3.02 -28.81
C GLY B 224 -9.37 2.58 -28.98
N ILE B 225 -10.20 2.61 -27.94
CA ILE B 225 -11.61 2.25 -28.08
C ILE B 225 -12.43 3.44 -27.53
N THR B 226 -13.29 3.99 -28.33
CA THR B 226 -14.09 5.15 -27.90
C THR B 226 -15.38 4.70 -27.24
N HIS B 227 -16.09 5.65 -26.64
CA HIS B 227 -17.37 5.35 -26.03
C HIS B 227 -18.30 4.85 -27.13
N GLY B 228 -18.20 5.49 -28.31
CA GLY B 228 -19.06 5.12 -29.41
C GLY B 228 -18.88 3.67 -29.83
N MET B 229 -17.64 3.23 -29.84
CA MET B 229 -17.31 1.84 -30.14
C MET B 229 -17.67 1.00 -28.89
N LYS C 1 8.65 24.94 -39.91
CA LYS C 1 10.02 24.74 -39.35
C LYS C 1 9.98 24.86 -37.85
N GLY C 2 8.90 25.30 -37.27
CA GLY C 2 8.84 25.48 -35.84
C GLY C 2 9.06 24.16 -35.10
N GLU C 3 8.57 23.07 -35.68
CA GLU C 3 8.70 21.76 -35.15
C GLU C 3 10.13 21.40 -34.86
N GLU C 4 11.03 21.78 -35.75
CA GLU C 4 12.42 21.43 -35.64
C GLU C 4 13.10 21.96 -34.38
N LEU C 5 12.54 23.02 -33.81
CA LEU C 5 13.11 23.59 -32.62
C LEU C 5 12.89 22.72 -31.36
N PHE C 6 12.02 21.73 -31.47
CA PHE C 6 11.64 20.90 -30.33
C PHE C 6 12.11 19.45 -30.41
N THR C 7 12.94 19.12 -31.36
CA THR C 7 13.40 17.74 -31.52
C THR C 7 14.21 17.27 -30.38
N GLY C 8 14.90 18.12 -29.67
CA GLY C 8 15.70 17.66 -28.51
C GLY C 8 15.12 18.18 -27.18
N VAL C 9 15.98 18.30 -26.18
CA VAL C 9 15.58 18.82 -24.88
C VAL C 9 15.87 20.32 -24.90
N VAL C 10 14.89 21.07 -24.48
CA VAL C 10 14.92 22.57 -24.56
C VAL C 10 14.83 23.14 -23.18
N PRO C 11 15.72 24.11 -22.86
CA PRO C 11 15.58 24.80 -21.56
C PRO C 11 14.36 25.67 -21.51
N ILE C 12 13.74 25.75 -20.36
CA ILE C 12 12.54 26.58 -20.14
C ILE C 12 12.75 27.54 -19.00
N LEU C 13 12.27 28.78 -19.21
CA LEU C 13 12.19 29.80 -18.16
C LEU C 13 10.76 30.26 -18.06
N VAL C 14 10.22 30.33 -16.87
CA VAL C 14 8.86 30.84 -16.62
C VAL C 14 8.93 31.96 -15.62
N GLU C 15 8.23 33.06 -15.93
CA GLU C 15 8.15 34.23 -15.06
C GLU C 15 6.74 34.69 -14.91
N LEU C 16 6.26 34.81 -13.71
CA LEU C 16 4.85 35.22 -13.45
C LEU C 16 4.80 36.33 -12.43
N ASP C 17 4.07 37.41 -12.77
CA ASP C 17 3.78 38.49 -11.82
C ASP C 17 2.31 38.46 -11.58
N GLY C 18 1.91 38.36 -10.33
CA GLY C 18 0.48 38.19 -10.00
C GLY C 18 -0.01 39.17 -8.95
N ASP C 19 -1.32 39.39 -8.96
CA ASP C 19 -2.03 40.19 -8.00
C ASP C 19 -3.35 39.52 -7.77
N VAL C 20 -3.61 38.94 -6.64
CA VAL C 20 -4.91 38.30 -6.36
C VAL C 20 -5.53 39.00 -5.17
N ASN C 21 -6.66 39.62 -5.39
CA ASN C 21 -7.33 40.39 -4.29
C ASN C 21 -6.38 41.36 -3.65
N GLY C 22 -5.53 41.95 -4.45
CA GLY C 22 -4.52 42.89 -3.89
C GLY C 22 -3.23 42.28 -3.34
N HIS C 23 -3.15 40.99 -3.23
CA HIS C 23 -1.95 40.32 -2.75
C HIS C 23 -1.03 40.14 -3.93
N LYS C 24 0.10 40.85 -3.91
CA LYS C 24 1.06 40.83 -4.98
C LYS C 24 2.10 39.75 -4.78
N PHE C 25 2.47 39.00 -5.84
CA PHE C 25 3.46 37.98 -5.74
C PHE C 25 4.13 37.73 -7.06
N SER C 26 5.31 37.08 -7.02
CA SER C 26 5.98 36.69 -8.22
C SER C 26 6.46 35.27 -8.11
N VAL C 27 6.55 34.59 -9.25
CA VAL C 27 7.03 33.20 -9.34
C VAL C 27 8.01 33.12 -10.44
N ARG C 28 9.11 32.39 -10.24
CA ARG C 28 10.05 32.10 -11.30
C ARG C 28 10.20 30.56 -11.41
N GLY C 29 10.29 30.05 -12.62
CA GLY C 29 10.55 28.60 -12.77
C GLY C 29 11.60 28.37 -13.80
N GLU C 30 12.32 27.26 -13.65
CA GLU C 30 13.29 26.82 -14.63
C GLU C 30 13.21 25.31 -14.78
N GLY C 31 13.57 24.87 -15.95
CA GLY C 31 13.58 23.37 -16.18
C GLY C 31 13.79 23.13 -17.62
N GLU C 32 13.21 22.03 -18.09
CA GLU C 32 13.45 21.55 -19.47
C GLU C 32 12.27 20.84 -20.01
N GLY C 33 12.08 20.87 -21.32
CA GLY C 33 10.97 20.24 -22.04
C GLY C 33 11.50 19.34 -23.11
N ASP C 34 10.81 18.19 -23.25
CA ASP C 34 11.13 17.13 -24.21
C ASP C 34 9.87 16.82 -24.98
N ALA C 35 9.61 17.57 -26.03
CA ALA C 35 8.40 17.45 -26.79
C ALA C 35 8.20 16.10 -27.46
N THR C 36 9.29 15.43 -27.73
CA THR C 36 9.23 14.08 -28.35
C THR C 36 8.44 13.15 -27.45
N ASN C 37 8.53 13.30 -26.15
CA ASN C 37 7.78 12.54 -25.17
C ASN C 37 6.71 13.30 -24.47
N GLY C 38 6.48 14.54 -24.87
CA GLY C 38 5.50 15.36 -24.19
C GLY C 38 5.80 15.62 -22.75
N LYS C 39 7.07 15.74 -22.42
CA LYS C 39 7.49 15.78 -21.01
C LYS C 39 8.13 17.09 -20.56
N LEU C 40 7.66 17.55 -19.41
CA LEU C 40 8.18 18.78 -18.77
C LEU C 40 8.68 18.48 -17.42
N THR C 41 9.83 19.06 -17.04
CA THR C 41 10.34 18.98 -15.68
C THR C 41 10.74 20.37 -15.25
N LEU C 42 10.11 20.91 -14.22
CA LEU C 42 10.34 22.30 -13.75
C LEU C 42 10.32 22.40 -12.28
N LYS C 43 11.07 23.39 -11.76
CA LYS C 43 10.99 23.79 -10.35
C LYS C 43 10.60 25.28 -10.33
N PHE C 44 9.60 25.60 -9.51
CA PHE C 44 9.13 26.99 -9.35
C PHE C 44 9.35 27.43 -7.95
N ILE C 45 9.73 28.72 -7.79
CA ILE C 45 9.82 29.33 -6.46
C ILE C 45 8.98 30.60 -6.41
N CYS C 46 8.37 30.87 -5.29
CA CYS C 46 7.77 32.17 -5.06
C CYS C 46 8.86 33.07 -4.58
N THR C 47 9.21 34.04 -5.41
CA THR C 47 10.35 34.91 -5.05
C THR C 47 9.93 36.07 -4.16
N THR C 48 8.71 36.19 -3.80
CA THR C 48 8.25 37.26 -2.92
C THR C 48 7.86 36.77 -1.56
N GLY C 49 8.20 35.53 -1.19
CA GLY C 49 7.88 35.03 0.12
C GLY C 49 6.81 33.96 0.06
N LYS C 50 5.73 34.08 0.82
CA LYS C 50 4.70 33.09 0.84
C LYS C 50 3.73 33.29 -0.31
N LEU C 51 3.39 32.23 -1.02
CA LEU C 51 2.48 32.34 -2.12
C LEU C 51 1.10 32.55 -1.51
N PRO C 52 0.30 33.49 -2.00
CA PRO C 52 -1.00 33.81 -1.40
C PRO C 52 -2.14 33.02 -1.86
N VAL C 53 -1.87 32.09 -2.82
CA VAL C 53 -2.86 31.15 -3.36
C VAL C 53 -2.21 29.79 -3.38
N PRO C 54 -3.01 28.72 -3.45
CA PRO C 54 -2.36 27.37 -3.50
C PRO C 54 -1.60 27.15 -4.81
N TRP C 55 -0.47 26.50 -4.72
CA TRP C 55 0.30 26.13 -5.91
C TRP C 55 -0.49 25.43 -6.98
N PRO C 56 -1.39 24.51 -6.66
CA PRO C 56 -2.13 23.86 -7.73
C PRO C 56 -2.91 24.83 -8.59
N THR C 57 -3.39 25.92 -8.01
CA THR C 57 -4.20 26.86 -8.81
C THR C 57 -3.39 27.58 -9.89
N LEU C 58 -2.07 27.53 -9.82
CA LEU C 58 -1.20 28.17 -10.82
C LEU C 58 -0.61 27.24 -11.85
N VAL C 59 -0.85 25.93 -11.71
CA VAL C 59 -0.25 24.97 -12.64
C VAL C 59 -0.60 25.24 -14.09
N THR C 60 -1.89 25.47 -14.38
CA THR C 60 -2.22 25.66 -15.80
C THR C 60 -1.64 26.92 -16.40
N THR C 61 -1.47 27.93 -15.55
CA THR C 61 -0.91 29.21 -16.04
C THR C 61 0.55 29.06 -16.28
N LEU C 62 1.26 28.46 -15.34
CA LEU C 62 2.72 28.25 -15.45
C LEU C 62 3.07 27.29 -16.55
N1 CRO C 63 2.32 26.24 -16.70
CA1 CRO C 63 2.57 25.18 -17.74
CB1 CRO C 63 3.13 23.88 -17.14
CG1 CRO C 63 4.40 24.12 -16.42
OG1 CRO C 63 2.13 23.29 -16.29
C1 CRO C 63 1.28 25.10 -18.45
N2 CRO C 63 0.36 24.12 -18.28
N3 CRO C 63 0.89 25.89 -19.46
C2 CRO C 63 -0.32 25.55 -19.83
O2 CRO C 63 -1.01 26.14 -20.74
CA2 CRO C 63 -0.66 24.38 -19.11
CA3 CRO C 63 1.60 27.19 -19.90
C3 CRO C 63 2.42 27.06 -21.11
O3 CRO C 63 2.56 28.12 -21.76
CB2 CRO C 63 -1.92 23.68 -19.24
CG2 CRO C 63 -2.42 22.56 -18.46
CD1 CRO C 63 -1.68 21.88 -17.49
CD2 CRO C 63 -3.70 22.17 -18.71
CE1 CRO C 63 -2.24 20.82 -16.77
CE2 CRO C 63 -4.25 21.13 -18.03
CZ CRO C 63 -3.56 20.40 -17.08
OH CRO C 63 -4.08 19.35 -16.41
N VAL C 64 2.97 25.89 -21.41
CA VAL C 64 3.93 25.80 -22.46
C VAL C 64 3.50 24.64 -23.33
N GLN C 65 2.35 24.73 -23.94
CA GLN C 65 1.70 23.65 -24.68
C GLN C 65 2.40 23.34 -25.94
N CYS C 66 3.42 24.12 -26.33
CA CYS C 66 4.31 23.77 -27.41
C CYS C 66 5.14 22.52 -27.10
N PHE C 67 5.20 22.08 -25.85
CA PHE C 67 5.89 20.84 -25.50
C PHE C 67 5.03 19.60 -25.57
N SER C 68 3.80 19.74 -25.96
CA SER C 68 2.91 18.57 -26.10
C SER C 68 3.42 17.66 -27.15
N ARG C 69 3.21 16.32 -26.93
CA ARG C 69 3.55 15.37 -27.96
C ARG C 69 2.37 15.25 -28.91
N TYR C 70 2.57 15.60 -30.16
CA TYR C 70 1.57 15.34 -31.18
C TYR C 70 2.03 14.06 -31.91
N PRO C 71 1.19 13.01 -31.95
CA PRO C 71 1.52 11.85 -32.75
C PRO C 71 1.70 12.14 -34.20
N ASP C 72 2.45 11.36 -34.94
CA ASP C 72 2.72 11.63 -36.32
C ASP C 72 1.45 11.88 -37.15
N HIS C 73 0.38 11.10 -36.91
CA HIS C 73 -0.81 11.36 -37.70
C HIS C 73 -1.50 12.70 -37.37
N MET C 74 -1.11 13.35 -36.30
CA MET C 74 -1.71 14.63 -35.91
C MET C 74 -0.77 15.82 -36.08
N LYS C 75 0.34 15.67 -36.72
CA LYS C 75 1.37 16.75 -36.76
C LYS C 75 0.83 18.01 -37.44
N ARG C 76 -0.09 17.83 -38.36
CA ARG C 76 -0.62 19.06 -39.02
C ARG C 76 -1.54 19.83 -38.15
N HIS C 77 -1.84 19.37 -36.95
CA HIS C 77 -2.70 20.08 -36.02
C HIS C 77 -2.00 20.79 -34.92
N ASP C 78 -0.66 20.85 -34.98
CA ASP C 78 0.12 21.48 -33.89
C ASP C 78 0.35 22.96 -34.15
N PHE C 79 -0.64 23.73 -33.69
CA PHE C 79 -0.53 25.21 -33.83
C PHE C 79 0.65 25.72 -33.04
N PHE C 80 0.85 25.21 -31.81
CA PHE C 80 1.78 25.80 -30.89
C PHE C 80 3.20 25.83 -31.40
N LYS C 81 3.70 24.72 -31.95
CA LYS C 81 5.03 24.72 -32.49
C LYS C 81 5.11 25.52 -33.78
N SER C 82 4.04 25.53 -34.57
CA SER C 82 4.06 26.26 -35.86
C SER C 82 4.28 27.74 -35.66
N ALA C 83 3.93 28.24 -34.53
CA ALA C 83 4.07 29.68 -34.21
C ALA C 83 5.48 30.04 -33.80
N MET C 84 6.36 29.08 -33.57
CA MET C 84 7.70 29.33 -33.11
C MET C 84 8.68 29.57 -34.23
N PRO C 85 9.74 30.36 -34.00
CA PRO C 85 10.15 30.84 -32.72
C PRO C 85 9.55 32.16 -32.22
N GLU C 86 8.84 32.86 -33.10
CA GLU C 86 8.26 34.18 -32.71
C GLU C 86 7.29 34.07 -31.58
N GLY C 87 6.57 32.96 -31.56
CA GLY C 87 5.73 32.60 -30.41
C GLY C 87 4.26 32.99 -30.51
N TYR C 88 3.62 32.92 -29.38
CA TYR C 88 2.19 33.21 -29.32
C TYR C 88 1.83 33.86 -27.98
N VAL C 89 0.72 34.61 -28.02
CA VAL C 89 0.11 35.14 -26.83
C VAL C 89 -0.94 34.15 -26.35
N GLN C 90 -0.96 33.85 -25.08
CA GLN C 90 -1.92 32.90 -24.47
C GLN C 90 -2.70 33.69 -23.44
N GLU C 91 -4.01 33.82 -23.61
CA GLU C 91 -4.87 34.48 -22.63
C GLU C 91 -5.89 33.55 -22.05
N ARG C 92 -6.13 33.64 -20.78
CA ARG C 92 -7.17 32.82 -20.15
C ARG C 92 -8.06 33.60 -19.20
N THR C 93 -9.27 33.15 -19.03
CA THR C 93 -10.13 33.47 -17.90
C THR C 93 -10.34 32.15 -17.14
N ILE C 94 -10.04 32.09 -15.89
CA ILE C 94 -10.22 30.90 -15.01
C ILE C 94 -11.22 31.25 -13.98
N SER C 95 -12.39 30.63 -14.01
CA SER C 95 -13.50 30.92 -13.14
C SER C 95 -13.62 29.84 -12.06
N PHE C 96 -13.25 30.09 -10.83
CA PHE C 96 -13.36 29.14 -9.73
C PHE C 96 -14.80 29.14 -9.28
N LYS C 97 -15.46 27.97 -9.28
CA LYS C 97 -16.84 27.89 -8.94
C LYS C 97 -17.06 28.33 -7.51
N ASP C 98 -18.02 29.23 -7.35
CA ASP C 98 -18.39 29.80 -6.06
C ASP C 98 -17.27 30.64 -5.46
N ASP C 99 -16.38 31.09 -6.33
CA ASP C 99 -15.24 31.85 -5.81
C ASP C 99 -14.80 32.86 -6.94
N GLY C 100 -13.54 33.23 -6.83
CA GLY C 100 -13.01 34.31 -7.72
C GLY C 100 -12.59 33.87 -9.07
N THR C 101 -12.02 34.77 -9.81
CA THR C 101 -11.60 34.61 -11.20
C THR C 101 -10.15 34.95 -11.39
N TYR C 102 -9.38 34.23 -12.12
CA TYR C 102 -8.07 34.69 -12.61
C TYR C 102 -8.19 35.13 -14.06
N LYS C 103 -7.52 36.22 -14.40
CA LYS C 103 -7.32 36.67 -15.80
C LYS C 103 -5.86 36.57 -16.05
N THR C 104 -5.44 35.96 -17.11
CA THR C 104 -4.00 35.78 -17.40
C THR C 104 -3.67 36.17 -18.82
N ARG C 105 -2.53 36.78 -19.03
CA ARG C 105 -1.97 37.07 -20.36
C ARG C 105 -0.52 36.65 -20.33
N ALA C 106 -0.11 35.86 -21.27
CA ALA C 106 1.24 35.33 -21.34
C ALA C 106 1.79 35.44 -22.76
N GLU C 107 3.10 35.62 -22.88
CA GLU C 107 3.78 35.44 -24.12
C GLU C 107 4.73 34.26 -24.03
N VAL C 108 4.62 33.35 -24.98
CA VAL C 108 5.46 32.13 -25.04
C VAL C 108 6.26 32.23 -26.29
N LYS C 109 7.57 32.29 -26.18
CA LYS C 109 8.45 32.46 -27.34
C LYS C 109 9.88 32.02 -27.04
N PHE C 110 10.67 31.84 -28.04
CA PHE C 110 12.09 31.59 -27.83
C PHE C 110 12.87 32.88 -27.60
N GLU C 111 13.76 32.85 -26.63
CA GLU C 111 14.74 33.95 -26.43
C GLU C 111 16.01 33.18 -26.50
N GLY C 112 16.71 33.22 -27.63
CA GLY C 112 17.88 32.36 -27.83
C GLY C 112 17.51 30.90 -27.82
N ASP C 113 18.20 30.07 -27.05
CA ASP C 113 17.94 28.64 -26.95
C ASP C 113 16.83 28.31 -25.96
N THR C 114 16.33 29.30 -25.23
CA THR C 114 15.39 29.05 -24.16
C THR C 114 13.95 29.36 -24.53
N LEU C 115 13.02 28.47 -24.23
CA LEU C 115 11.62 28.74 -24.42
C LEU C 115 11.17 29.43 -23.17
N VAL C 116 10.62 30.65 -23.35
CA VAL C 116 10.23 31.52 -22.23
C VAL C 116 8.72 31.71 -22.16
N ASN C 117 8.13 31.54 -21.00
CA ASN C 117 6.73 31.85 -20.74
C ASN C 117 6.67 32.96 -19.73
N ARG C 118 6.26 34.14 -20.19
CA ARG C 118 6.19 35.33 -19.28
C ARG C 118 4.72 35.68 -19.11
N ILE C 119 4.31 35.79 -17.89
CA ILE C 119 2.88 35.87 -17.57
C ILE C 119 2.54 37.02 -16.59
N GLU C 120 1.41 37.65 -16.86
CA GLU C 120 0.73 38.51 -15.92
C GLU C 120 -0.57 38.01 -15.53
N LEU C 121 -0.82 37.92 -14.24
CA LEU C 121 -2.04 37.30 -13.68
C LEU C 121 -2.71 38.25 -12.73
N LYS C 122 -3.97 38.47 -12.92
CA LYS C 122 -4.84 39.20 -11.97
CA LYS C 122 -4.84 39.21 -12.01
C LYS C 122 -6.03 38.41 -11.45
N GLY C 123 -6.19 38.35 -10.15
CA GLY C 123 -7.27 37.62 -9.52
C GLY C 123 -8.18 38.53 -8.79
N ILE C 124 -9.48 38.37 -8.92
CA ILE C 124 -10.45 39.18 -8.27
C ILE C 124 -11.64 38.46 -7.76
N ASP C 125 -12.32 39.00 -6.80
CA ASP C 125 -13.54 38.48 -6.22
C ASP C 125 -13.35 37.16 -5.47
N PHE C 126 -12.18 36.90 -4.95
CA PHE C 126 -12.00 35.73 -4.12
C PHE C 126 -12.50 35.87 -2.70
N LYS C 127 -13.05 34.86 -2.13
CA LYS C 127 -13.54 34.82 -0.77
C LYS C 127 -12.36 34.68 0.17
N GLU C 128 -12.35 35.46 1.23
CA GLU C 128 -11.20 35.45 2.13
C GLU C 128 -11.01 34.12 2.81
N ASP C 129 -12.10 33.42 3.10
CA ASP C 129 -11.98 32.11 3.70
C ASP C 129 -12.48 30.97 2.81
N GLY C 130 -12.39 31.20 1.51
CA GLY C 130 -12.70 30.21 0.52
C GLY C 130 -11.55 29.22 0.33
N ASN C 131 -11.76 28.32 -0.63
CA ASN C 131 -10.72 27.27 -0.81
C ASN C 131 -9.39 27.80 -1.30
N ILE C 132 -9.40 28.92 -2.01
CA ILE C 132 -8.22 29.49 -2.60
C ILE C 132 -7.43 30.32 -1.60
N LEU C 133 -8.02 31.45 -1.17
CA LEU C 133 -7.32 32.29 -0.19
C LEU C 133 -7.19 31.64 1.17
N GLY C 134 -8.06 30.66 1.47
CA GLY C 134 -7.95 29.91 2.68
C GLY C 134 -6.99 28.73 2.65
N HIS C 135 -6.37 28.48 1.48
CA HIS C 135 -5.39 27.38 1.34
C HIS C 135 -5.98 26.03 1.78
N LYS C 136 -7.10 25.66 1.18
CA LYS C 136 -7.77 24.42 1.50
C LYS C 136 -7.63 23.36 0.44
N LEU C 137 -6.83 23.60 -0.56
CA LEU C 137 -6.62 22.68 -1.68
C LEU C 137 -5.45 21.75 -1.41
N GLU C 138 -5.67 20.46 -1.69
CA GLU C 138 -4.60 19.45 -1.58
C GLU C 138 -3.46 19.76 -2.52
N TYR C 139 -2.25 19.36 -2.15
CA TYR C 139 -1.09 19.50 -2.98
C TYR C 139 -0.98 18.28 -3.89
N ASN C 140 -1.81 18.32 -4.94
CA ASN C 140 -1.82 17.26 -5.93
C ASN C 140 -2.51 17.82 -7.19
N PHE C 141 -2.65 16.99 -8.21
CA PHE C 141 -3.16 17.46 -9.47
C PHE C 141 -3.70 16.34 -10.29
N ASN C 142 -4.93 16.43 -10.73
CA ASN C 142 -5.59 15.42 -11.53
C ASN C 142 -5.18 15.50 -12.98
N SER C 143 -5.55 14.46 -13.70
CA SER C 143 -5.38 14.44 -15.18
CA SER C 143 -5.39 14.40 -15.17
C SER C 143 -6.64 15.07 -15.83
N HIS C 144 -6.37 15.86 -16.91
CA HIS C 144 -7.46 16.62 -17.60
C HIS C 144 -7.27 16.51 -19.05
N ASN C 145 -8.35 16.82 -19.82
CA ASN C 145 -8.28 17.04 -21.24
C ASN C 145 -8.53 18.51 -21.57
N VAL C 146 -7.67 19.05 -22.40
CA VAL C 146 -7.80 20.43 -22.89
C VAL C 146 -8.36 20.39 -24.31
N TYR C 147 -9.58 20.88 -24.52
CA TYR C 147 -10.28 20.77 -25.76
C TYR C 147 -9.96 21.92 -26.67
N ILE C 148 -9.36 21.71 -27.79
CA ILE C 148 -8.87 22.73 -28.72
C ILE C 148 -9.66 22.80 -29.97
N THR C 149 -9.94 24.03 -30.41
CA THR C 149 -10.56 24.32 -31.71
C THR C 149 -9.81 25.42 -32.43
N ALA C 150 -9.82 25.43 -33.70
CA ALA C 150 -9.26 26.56 -34.47
C ALA C 150 -10.08 27.79 -34.20
N ASP C 151 -9.37 28.91 -34.20
CA ASP C 151 -9.97 30.30 -34.15
C ASP C 151 -9.48 30.97 -35.35
N LYS C 152 -10.02 30.67 -36.49
CA LYS C 152 -9.51 31.17 -37.76
C LYS C 152 -9.57 32.68 -37.86
N GLN C 153 -10.59 33.27 -37.24
CA GLN C 153 -10.70 34.77 -37.34
C GLN C 153 -9.54 35.42 -36.72
N LYS C 154 -8.82 34.85 -35.80
CA LYS C 154 -7.60 35.40 -35.22
C LYS C 154 -6.33 34.67 -35.62
N ASN C 155 -6.45 33.78 -36.58
CA ASN C 155 -5.31 32.98 -37.01
C ASN C 155 -4.68 32.20 -35.88
N GLY C 156 -5.54 31.68 -34.99
CA GLY C 156 -5.08 31.02 -33.78
C GLY C 156 -5.96 29.91 -33.34
N ILE C 157 -6.00 29.69 -32.04
CA ILE C 157 -6.83 28.59 -31.49
C ILE C 157 -7.55 29.09 -30.27
N LYS C 158 -8.55 28.37 -29.83
CA LYS C 158 -9.23 28.56 -28.60
C LYS C 158 -9.32 27.25 -27.86
N ALA C 159 -9.45 27.24 -26.57
CA ALA C 159 -9.55 25.98 -25.81
C ALA C 159 -10.47 26.20 -24.66
N ASN C 160 -11.05 25.08 -24.18
CA ASN C 160 -11.88 25.11 -23.00
C ASN C 160 -11.61 23.85 -22.21
N PHE C 161 -11.67 23.87 -20.91
CA PHE C 161 -11.51 22.69 -20.07
C PHE C 161 -11.89 22.96 -18.68
N LYS C 162 -12.11 21.95 -17.86
CA LYS C 162 -12.51 22.07 -16.48
C LYS C 162 -11.44 21.43 -15.63
N ILE C 163 -10.80 22.15 -14.77
CA ILE C 163 -9.80 21.63 -13.78
C ILE C 163 -10.52 21.30 -12.52
N ARG C 164 -10.22 20.12 -11.97
CA ARG C 164 -10.82 19.64 -10.74
C ARG C 164 -9.75 19.66 -9.68
N HIS C 165 -9.84 20.52 -8.67
CA HIS C 165 -8.85 20.56 -7.58
C HIS C 165 -9.44 19.86 -6.36
N ASN C 166 -8.73 18.83 -5.88
CA ASN C 166 -9.23 18.16 -4.67
C ASN C 166 -9.09 19.11 -3.46
N VAL C 167 -10.13 19.11 -2.61
CA VAL C 167 -10.15 19.93 -1.42
C VAL C 167 -9.85 19.05 -0.19
N GLU C 168 -9.29 19.63 0.83
CA GLU C 168 -8.93 18.85 2.05
C GLU C 168 -10.10 18.19 2.69
N ASP C 169 -11.32 18.64 2.55
CA ASP C 169 -12.49 18.05 3.17
C ASP C 169 -13.15 17.03 2.28
N GLY C 170 -12.53 16.65 1.17
CA GLY C 170 -13.09 15.63 0.30
C GLY C 170 -13.93 16.09 -0.83
N SER C 171 -14.23 17.38 -0.85
CA SER C 171 -14.96 18.04 -1.97
C SER C 171 -14.02 18.27 -3.11
N VAL C 172 -14.59 18.84 -4.18
CA VAL C 172 -13.82 19.19 -5.37
C VAL C 172 -14.10 20.65 -5.74
N GLN C 173 -13.05 21.40 -5.97
CA GLN C 173 -13.13 22.82 -6.42
C GLN C 173 -12.94 22.84 -7.89
N LEU C 174 -13.99 23.17 -8.62
CA LEU C 174 -13.90 23.30 -10.09
C LEU C 174 -13.32 24.67 -10.52
N ALA C 175 -12.51 24.60 -11.54
CA ALA C 175 -12.00 25.88 -12.17
C ALA C 175 -12.25 25.75 -13.66
N ASP C 176 -13.24 26.49 -14.16
CA ASP C 176 -13.53 26.50 -15.60
C ASP C 176 -12.52 27.33 -16.31
N HIS C 177 -11.87 26.84 -17.34
CA HIS C 177 -10.84 27.52 -18.11
C HIS C 177 -11.34 27.84 -19.51
N TYR C 178 -11.17 29.09 -19.92
CA TYR C 178 -11.36 29.52 -21.30
C TYR C 178 -10.06 30.07 -21.75
N GLN C 179 -9.62 29.75 -22.95
CA GLN C 179 -8.31 30.07 -23.46
C GLN C 179 -8.34 30.48 -24.88
N GLN C 180 -7.48 31.48 -25.26
CA GLN C 180 -7.30 31.89 -26.62
C GLN C 180 -5.84 32.07 -26.88
N ASN C 181 -5.32 31.71 -28.04
CA ASN C 181 -3.93 31.85 -28.40
C ASN C 181 -3.83 32.45 -29.76
N THR C 182 -2.93 33.42 -29.92
CA THR C 182 -2.74 34.12 -31.20
C THR C 182 -1.28 34.25 -31.51
N PRO C 183 -0.87 34.08 -32.76
CA PRO C 183 0.55 34.17 -33.05
C PRO C 183 1.09 35.59 -32.89
N ILE C 184 2.33 35.66 -32.45
CA ILE C 184 3.03 36.96 -32.33
C ILE C 184 3.53 37.37 -33.70
N GLY C 185 4.08 36.46 -34.48
CA GLY C 185 4.63 36.71 -35.80
C GLY C 185 3.62 36.70 -36.93
N ASP C 186 4.09 37.04 -38.13
CA ASP C 186 3.21 37.15 -39.30
C ASP C 186 3.27 35.92 -40.22
N GLY C 187 4.11 34.96 -39.91
CA GLY C 187 4.27 33.78 -40.75
C GLY C 187 3.08 32.85 -40.69
N PRO C 188 3.03 31.89 -41.60
CA PRO C 188 1.95 30.89 -41.61
C PRO C 188 1.95 30.04 -40.38
N VAL C 189 0.75 29.71 -39.91
CA VAL C 189 0.61 28.73 -38.81
C VAL C 189 -0.31 27.63 -39.19
N LEU C 190 -0.30 26.55 -38.39
CA LEU C 190 -1.21 25.44 -38.61
C LEU C 190 -2.45 25.68 -37.81
N LEU C 191 -3.60 25.64 -38.45
CA LEU C 191 -4.89 25.79 -37.77
C LEU C 191 -5.46 24.34 -37.70
N PRO C 192 -5.78 23.90 -36.52
CA PRO C 192 -6.11 22.46 -36.34
C PRO C 192 -7.58 22.14 -36.45
N ASP C 193 -7.85 20.86 -36.75
CA ASP C 193 -9.15 20.32 -36.54
C ASP C 193 -9.31 20.10 -35.01
N ASN C 194 -10.54 19.98 -34.55
CA ASN C 194 -10.79 19.83 -33.12
C ASN C 194 -10.06 18.60 -32.57
N HIS C 195 -9.46 18.75 -31.43
CA HIS C 195 -8.75 17.66 -30.73
C HIS C 195 -8.53 18.01 -29.35
N TYR C 196 -7.85 17.22 -28.54
CA TYR C 196 -7.58 17.56 -27.18
C TYR C 196 -6.19 17.21 -26.76
N LEU C 197 -5.74 17.83 -25.68
CA LEU C 197 -4.44 17.49 -25.03
C LEU C 197 -4.83 16.74 -23.77
N SER C 198 -4.25 15.59 -23.57
CA SER C 198 -4.41 14.80 -22.33
C SER C 198 -3.22 15.05 -21.46
N THR C 199 -3.48 15.45 -20.24
CA THR C 199 -2.42 15.93 -19.31
C THR C 199 -2.35 15.08 -18.06
N LYS C 200 -1.11 14.86 -17.57
CA LYS C 200 -0.85 14.17 -16.34
C LYS C 200 0.22 15.00 -15.61
N SER C 201 0.02 15.25 -14.29
CA SER C 201 0.96 16.10 -13.55
C SER C 201 1.28 15.56 -12.21
N VAL C 202 2.58 15.58 -11.80
CA VAL C 202 2.95 15.11 -10.49
C VAL C 202 3.67 16.28 -9.78
N LEU C 203 3.07 16.64 -8.63
CA LEU C 203 3.66 17.76 -7.84
C LEU C 203 4.44 17.25 -6.67
N SER C 204 5.58 17.80 -6.40
CA SER C 204 6.42 17.31 -5.30
C SER C 204 7.16 18.53 -4.66
N LYS C 205 7.83 18.22 -3.60
CA LYS C 205 8.66 19.21 -2.87
C LYS C 205 10.11 18.81 -2.87
N ASP C 206 10.97 19.78 -2.66
CA ASP C 206 12.39 19.59 -2.51
C ASP C 206 12.61 19.73 -1.01
N PRO C 207 13.01 18.68 -0.31
CA PRO C 207 13.18 18.75 1.12
C PRO C 207 14.28 19.70 1.59
N ASN C 208 15.20 20.06 0.71
CA ASN C 208 16.25 21.04 1.09
C ASN C 208 15.89 22.50 0.75
N GLU C 209 14.71 22.74 0.22
CA GLU C 209 14.32 24.04 -0.23
C GLU C 209 13.49 24.72 0.85
N LYS C 210 13.98 25.82 1.38
CA LYS C 210 13.28 26.55 2.41
C LYS C 210 12.25 27.56 1.89
N ARG C 211 12.38 27.98 0.64
CA ARG C 211 11.45 28.90 0.07
C ARG C 211 10.16 28.19 -0.38
N ASP C 212 9.07 28.88 -0.50
CA ASP C 212 7.80 28.35 -0.97
C ASP C 212 8.00 27.96 -2.42
N HIS C 213 7.72 26.72 -2.78
CA HIS C 213 8.09 26.19 -4.06
C HIS C 213 7.25 25.03 -4.53
N MET C 214 7.40 24.72 -5.82
CA MET C 214 6.71 23.51 -6.43
C MET C 214 7.67 22.89 -7.38
N VAL C 215 7.84 21.56 -7.29
CA VAL C 215 8.58 20.72 -8.27
C VAL C 215 7.48 20.05 -9.08
N LEU C 216 7.58 20.15 -10.40
CA LEU C 216 6.52 19.63 -11.30
C LEU C 216 7.10 18.76 -12.39
N LEU C 217 6.43 17.61 -12.62
CA LEU C 217 6.67 16.75 -13.78
C LEU C 217 5.32 16.70 -14.49
N GLU C 218 5.34 16.87 -15.77
CA GLU C 218 4.09 16.87 -16.59
C GLU C 218 4.28 16.08 -17.87
N PHE C 219 3.28 15.33 -18.27
CA PHE C 219 3.25 14.67 -19.59
C PHE C 219 2.01 15.16 -20.28
N VAL C 220 2.15 15.59 -21.53
CA VAL C 220 0.98 16.06 -22.33
C VAL C 220 1.04 15.49 -23.71
N THR C 221 -0.02 14.79 -24.13
CA THR C 221 -0.11 14.15 -25.39
C THR C 221 -1.42 14.61 -26.11
N ALA C 222 -1.29 14.89 -27.39
CA ALA C 222 -2.47 15.22 -28.20
C ALA C 222 -3.21 13.94 -28.58
N ALA C 223 -4.51 14.02 -28.71
CA ALA C 223 -5.39 12.92 -29.03
C ALA C 223 -6.70 13.34 -29.56
N GLY C 224 -7.59 12.48 -29.96
CA GLY C 224 -8.93 12.77 -30.39
C GLY C 224 -9.14 12.85 -31.85
N ILE C 225 -8.15 12.60 -32.67
CA ILE C 225 -8.28 12.47 -34.08
C ILE C 225 -7.78 11.04 -34.44
N THR C 226 -8.55 10.30 -35.19
CA THR C 226 -8.12 8.97 -35.62
C THR C 226 -8.62 8.73 -37.02
N HIS C 227 -8.13 7.70 -37.66
CA HIS C 227 -8.60 7.36 -38.98
C HIS C 227 -9.98 6.65 -38.95
N GLY C 228 -10.46 6.34 -37.76
CA GLY C 228 -11.80 5.72 -37.68
C GLY C 228 -11.86 4.30 -38.11
N MET C 229 -10.75 3.56 -38.07
CA MET C 229 -10.63 2.23 -38.59
C MET C 229 -10.92 1.13 -37.57
N LYS D 1 -9.47 -29.18 0.91
CA LYS D 1 -8.72 -30.04 1.82
C LYS D 1 -8.98 -29.58 3.24
N GLY D 2 -8.12 -29.98 4.17
CA GLY D 2 -8.29 -29.63 5.54
C GLY D 2 -8.34 -28.14 5.78
N GLU D 3 -7.58 -27.39 5.00
CA GLU D 3 -7.55 -25.95 5.21
C GLU D 3 -8.91 -25.32 5.00
N GLU D 4 -9.75 -25.89 4.17
CA GLU D 4 -11.07 -25.35 3.92
C GLU D 4 -11.99 -25.37 5.12
N LEU D 5 -11.69 -26.24 6.09
CA LEU D 5 -12.51 -26.33 7.25
C LEU D 5 -12.29 -25.16 8.24
N PHE D 6 -11.25 -24.38 7.99
CA PHE D 6 -10.86 -23.27 8.89
C PHE D 6 -11.10 -21.89 8.32
N THR D 7 -11.80 -21.78 7.23
CA THR D 7 -11.97 -20.45 6.57
C THR D 7 -12.81 -19.56 7.40
N GLY D 8 -13.70 -20.02 8.24
CA GLY D 8 -14.50 -19.18 9.08
C GLY D 8 -14.23 -19.35 10.55
N VAL D 9 -15.19 -19.05 11.42
CA VAL D 9 -15.07 -19.19 12.86
C VAL D 9 -15.56 -20.56 13.24
N VAL D 10 -14.74 -21.23 14.02
CA VAL D 10 -14.99 -22.72 14.33
C VAL D 10 -15.14 -22.81 15.83
N PRO D 11 -16.17 -23.48 16.34
CA PRO D 11 -16.31 -23.71 17.75
C PRO D 11 -15.23 -24.71 18.24
N ILE D 12 -14.75 -24.50 19.44
CA ILE D 12 -13.72 -25.33 20.06
C ILE D 12 -14.16 -25.84 21.40
N LEU D 13 -13.90 -27.15 21.65
CA LEU D 13 -14.12 -27.77 22.97
C LEU D 13 -12.83 -28.33 23.41
N VAL D 14 -12.40 -28.07 24.64
CA VAL D 14 -11.17 -28.63 25.20
C VAL D 14 -11.54 -29.38 26.46
N GLU D 15 -11.04 -30.63 26.60
CA GLU D 15 -11.27 -31.44 27.78
C GLU D 15 -9.91 -31.94 28.22
N LEU D 16 -9.58 -31.75 29.48
CA LEU D 16 -8.32 -32.26 30.06
C LEU D 16 -8.58 -32.97 31.34
N ASP D 17 -8.02 -34.16 31.49
CA ASP D 17 -7.98 -34.93 32.77
C ASP D 17 -6.55 -34.98 33.19
N GLY D 18 -6.26 -34.54 34.40
CA GLY D 18 -4.85 -34.44 34.88
C GLY D 18 -4.64 -35.06 36.21
N ASP D 19 -3.40 -35.43 36.47
CA ASP D 19 -2.93 -35.93 37.76
C ASP D 19 -1.54 -35.38 37.94
N VAL D 20 -1.36 -34.51 38.91
CA VAL D 20 -0.03 -33.95 39.19
C VAL D 20 0.34 -34.31 40.63
N ASN D 21 1.38 -35.10 40.80
CA ASN D 21 1.82 -35.51 42.14
C ASN D 21 0.65 -36.15 42.88
N GLY D 22 -0.22 -36.85 42.18
CA GLY D 22 -1.37 -37.49 42.79
C GLY D 22 -2.62 -36.60 42.95
N HIS D 23 -2.52 -35.34 42.66
CA HIS D 23 -3.66 -34.44 42.72
C HIS D 23 -4.40 -34.58 41.42
N LYS D 24 -5.61 -35.09 41.49
CA LYS D 24 -6.40 -35.36 40.23
C LYS D 24 -7.32 -34.19 39.99
N PHE D 25 -7.41 -33.75 38.74
CA PHE D 25 -8.21 -32.57 38.38
C PHE D 25 -8.67 -32.64 36.97
N SER D 26 -9.67 -31.86 36.61
N SER D 26 -9.67 -31.87 36.63
CA SER D 26 -10.16 -31.82 35.27
CA SER D 26 -10.14 -31.80 35.25
C SER D 26 -10.44 -30.38 34.85
C SER D 26 -10.44 -30.37 34.85
N VAL D 27 -10.27 -30.08 33.57
CA VAL D 27 -10.55 -28.76 33.00
C VAL D 27 -11.37 -28.90 31.80
N ARG D 28 -12.34 -28.03 31.60
CA ARG D 28 -13.13 -27.96 30.39
C ARG D 28 -13.04 -26.53 29.83
N GLY D 29 -12.82 -26.40 28.56
CA GLY D 29 -12.80 -25.12 27.86
C GLY D 29 -13.75 -25.06 26.72
N GLU D 30 -14.28 -23.89 26.42
CA GLU D 30 -15.13 -23.69 25.29
C GLU D 30 -14.80 -22.33 24.66
N GLY D 31 -14.82 -22.26 23.38
CA GLY D 31 -14.62 -20.96 22.71
C GLY D 31 -14.68 -21.10 21.23
N GLU D 32 -13.88 -20.32 20.53
CA GLU D 32 -13.88 -20.30 19.08
C GLU D 32 -12.53 -19.97 18.51
N GLY D 33 -12.28 -20.39 17.31
CA GLY D 33 -11.03 -20.14 16.61
C GLY D 33 -11.26 -19.58 15.26
N ASP D 34 -10.41 -18.61 14.88
CA ASP D 34 -10.52 -17.86 13.63
C ASP D 34 -9.18 -17.89 12.99
N ALA D 35 -8.84 -18.96 12.28
CA ALA D 35 -7.55 -19.13 11.76
C ALA D 35 -7.15 -18.10 10.72
N THR D 36 -8.14 -17.54 10.05
CA THR D 36 -7.83 -16.48 9.07
C THR D 36 -7.08 -15.28 9.74
N ASN D 37 -7.41 -15.04 10.98
CA ASN D 37 -6.71 -14.03 11.80
C ASN D 37 -5.77 -14.62 12.84
N GLY D 38 -5.61 -15.91 12.84
CA GLY D 38 -4.81 -16.67 13.79
C GLY D 38 -5.24 -16.51 15.21
N LYS D 39 -6.52 -16.37 15.45
CA LYS D 39 -7.07 -15.93 16.75
C LYS D 39 -7.88 -16.97 17.46
N LEU D 40 -7.61 -17.18 18.75
CA LEU D 40 -8.33 -18.04 19.64
C LEU D 40 -8.94 -17.31 20.78
N THR D 41 -10.16 -17.59 21.16
CA THR D 41 -10.76 -17.04 22.36
C THR D 41 -11.43 -18.17 23.10
N LEU D 42 -11.02 -18.44 24.32
CA LEU D 42 -11.59 -19.54 25.11
C LEU D 42 -11.73 -19.22 26.52
N LYS D 43 -12.68 -19.83 27.21
CA LYS D 43 -12.79 -19.74 28.67
C LYS D 43 -12.66 -21.21 29.21
N PHE D 44 -11.84 -21.38 30.16
CA PHE D 44 -11.58 -22.68 30.85
C PHE D 44 -12.01 -22.65 32.25
N ILE D 45 -12.64 -23.72 32.73
CA ILE D 45 -13.01 -23.91 34.11
C ILE D 45 -12.38 -25.14 34.70
N CYS D 46 -11.95 -25.11 35.92
CA CYS D 46 -11.55 -26.35 36.60
C CYS D 46 -12.81 -26.91 37.16
N THR D 47 -13.21 -28.06 36.61
CA THR D 47 -14.51 -28.64 36.96
C THR D 47 -14.43 -29.49 38.24
N THR D 48 -13.25 -29.64 38.81
CA THR D 48 -13.07 -30.42 40.01
C THR D 48 -12.89 -29.56 41.29
N GLY D 49 -12.94 -28.23 41.11
CA GLY D 49 -12.76 -27.36 42.26
C GLY D 49 -11.53 -26.48 42.07
N LYS D 50 -10.60 -26.47 42.98
CA LYS D 50 -9.42 -25.63 42.92
C LYS D 50 -8.37 -26.29 42.04
N LEU D 51 -7.81 -25.59 41.08
CA LEU D 51 -6.77 -26.16 40.24
C LEU D 51 -5.54 -26.32 41.07
N PRO D 52 -4.86 -27.48 41.05
CA PRO D 52 -3.72 -27.71 41.93
C PRO D 52 -2.37 -27.20 41.38
N VAL D 53 -2.41 -26.66 40.18
CA VAL D 53 -1.24 -26.07 39.52
C VAL D 53 -1.63 -24.68 39.00
N PRO D 54 -0.66 -23.85 38.68
CA PRO D 54 -1.02 -22.54 38.14
C PRO D 54 -1.58 -22.64 36.74
N TRP D 55 -2.62 -21.85 36.45
CA TRP D 55 -3.18 -21.81 35.13
C TRP D 55 -2.19 -21.63 34.00
N PRO D 56 -1.19 -20.73 34.16
CA PRO D 56 -0.26 -20.57 33.08
C PRO D 56 0.48 -21.83 32.69
N THR D 57 0.68 -22.75 33.63
CA THR D 57 1.41 -23.99 33.29
C THR D 57 0.63 -24.90 32.35
N LEU D 58 -0.65 -24.68 32.18
CA LEU D 58 -1.52 -25.50 31.32
C LEU D 58 -1.83 -24.87 29.97
N VAL D 59 -1.39 -23.61 29.73
CA VAL D 59 -1.75 -22.95 28.46
C VAL D 59 -1.32 -23.72 27.26
N THR D 60 -0.08 -24.14 27.21
CA THR D 60 0.36 -24.79 25.98
C THR D 60 -0.33 -26.14 25.74
N THR D 61 -0.74 -26.81 26.84
CA THR D 61 -1.42 -28.11 26.70
C THR D 61 -2.83 -27.92 26.20
N LEU D 62 -3.52 -26.93 26.78
CA LEU D 62 -4.89 -26.58 26.39
C LEU D 62 -4.98 -25.96 25.01
N1 CRO D 63 -4.02 -25.15 24.66
CA1 CRO D 63 -4.00 -24.46 23.30
CB1 CRO D 63 -4.41 -22.99 23.36
CG1 CRO D 63 -5.84 -22.88 23.90
OG1 CRO D 63 -3.50 -22.26 24.18
C1 CRO D 63 -2.67 -24.72 22.80
N2 CRO D 63 -1.64 -23.85 22.81
N3 CRO D 63 -2.29 -25.90 22.20
C2 CRO D 63 -1.02 -25.81 21.94
O2 CRO D 63 -0.29 -26.71 21.40
CA2 CRO D 63 -0.56 -24.47 22.27
CA3 CRO D 63 -3.05 -27.15 22.04
C3 CRO D 63 -3.80 -27.33 20.82
O3 CRO D 63 -4.07 -28.50 20.46
CB2 CRO D 63 0.79 -24.00 22.15
CG2 CRO D 63 1.36 -22.71 22.57
CD1 CRO D 63 0.64 -21.67 23.19
CD2 CRO D 63 2.73 -22.59 22.41
CE1 CRO D 63 1.29 -20.51 23.54
CE2 CRO D 63 3.37 -21.42 22.79
CZ CRO D 63 2.64 -20.35 23.35
OH CRO D 63 3.24 -19.19 23.69
N VAL D 64 -4.11 -26.20 20.13
CA VAL D 64 -4.90 -26.37 18.92
C VAL D 64 -4.22 -25.56 17.86
N GLN D 65 -3.04 -25.96 17.47
CA GLN D 65 -2.17 -25.28 16.55
C GLN D 65 -2.68 -25.25 15.15
N CYS D 66 -3.76 -25.99 14.86
CA CYS D 66 -4.43 -25.88 13.61
C CYS D 66 -5.10 -24.50 13.38
N PHE D 67 -5.18 -23.70 14.44
CA PHE D 67 -5.73 -22.32 14.30
C PHE D 67 -4.66 -21.31 14.00
N SER D 68 -3.44 -21.69 13.80
CA SER D 68 -2.35 -20.77 13.48
C SER D 68 -2.63 -20.14 12.16
N ARG D 69 -2.23 -18.85 11.95
CA ARG D 69 -2.36 -18.26 10.66
C ARG D 69 -1.10 -18.52 9.88
N TYR D 70 -1.22 -19.25 8.79
CA TYR D 70 -0.10 -19.45 7.89
C TYR D 70 -0.28 -18.47 6.73
N PRO D 71 0.75 -17.69 6.45
CA PRO D 71 0.64 -16.76 5.29
C PRO D 71 0.53 -17.57 4.02
N ASP D 72 -0.01 -16.92 2.98
CA ASP D 72 -0.29 -17.67 1.76
C ASP D 72 0.89 -18.39 1.20
N HIS D 73 2.06 -17.77 1.25
CA HIS D 73 3.25 -18.42 0.71
C HIS D 73 3.72 -19.60 1.50
N MET D 74 3.21 -19.77 2.73
CA MET D 74 3.61 -20.90 3.57
C MET D 74 2.54 -21.94 3.74
N LYS D 75 1.47 -21.85 3.00
CA LYS D 75 0.35 -22.76 3.24
C LYS D 75 0.72 -24.23 2.97
N ARG D 76 1.72 -24.48 2.16
CA ARG D 76 2.10 -25.86 1.93
C ARG D 76 2.83 -26.48 3.12
N HIS D 77 3.11 -25.68 4.14
CA HIS D 77 3.81 -26.18 5.30
C HIS D 77 2.92 -26.35 6.52
N ASP D 78 1.61 -26.24 6.32
CA ASP D 78 0.65 -26.34 7.44
C ASP D 78 0.21 -27.79 7.66
N PHE D 79 0.98 -28.51 8.43
CA PHE D 79 0.65 -29.91 8.73
C PHE D 79 -0.66 -30.03 9.47
N PHE D 80 -0.89 -29.12 10.42
CA PHE D 80 -2.00 -29.24 11.34
C PHE D 80 -3.33 -29.25 10.64
N LYS D 81 -3.59 -28.31 9.70
CA LYS D 81 -4.82 -28.31 9.01
C LYS D 81 -4.91 -29.46 8.02
N SER D 82 -3.77 -29.85 7.44
CA SER D 82 -3.78 -30.92 6.45
C SER D 82 -4.26 -32.25 7.04
N ALA D 83 -4.09 -32.42 8.33
CA ALA D 83 -4.53 -33.68 9.00
C ALA D 83 -6.00 -33.71 9.28
N MET D 84 -6.74 -32.61 9.09
CA MET D 84 -8.13 -32.55 9.39
C MET D 84 -9.00 -33.02 8.23
N PRO D 85 -10.19 -33.55 8.50
CA PRO D 85 -10.85 -33.55 9.76
C PRO D 85 -10.51 -34.73 10.74
N GLU D 86 -9.80 -35.73 10.24
CA GLU D 86 -9.51 -36.90 11.07
C GLU D 86 -8.64 -36.62 12.24
N GLY D 87 -7.77 -35.62 12.08
CA GLY D 87 -6.98 -35.05 13.18
C GLY D 87 -5.63 -35.61 13.43
N TYR D 88 -5.07 -35.28 14.58
CA TYR D 88 -3.76 -35.70 14.96
C TYR D 88 -3.63 -35.94 16.42
N VAL D 89 -2.61 -36.75 16.77
CA VAL D 89 -2.24 -36.94 18.14
C VAL D 89 -1.11 -35.97 18.45
N GLN D 90 -1.18 -35.30 19.56
CA GLN D 90 -0.14 -34.36 20.00
C GLN D 90 0.39 -34.88 21.32
N GLU D 91 1.66 -35.20 21.36
CA GLU D 91 2.31 -35.62 22.62
C GLU D 91 3.39 -34.71 23.05
N ARG D 92 3.47 -34.45 24.32
CA ARG D 92 4.58 -33.65 24.85
C ARG D 92 5.15 -34.17 26.13
N THR D 93 6.40 -33.87 26.36
CA THR D 93 6.97 -33.77 27.68
C THR D 93 7.29 -32.29 27.92
N ILE D 94 6.92 -31.79 29.07
CA ILE D 94 7.25 -30.41 29.53
C ILE D 94 8.08 -30.56 30.76
N SER D 95 9.34 -30.13 30.69
CA SER D 95 10.24 -30.24 31.82
C SER D 95 10.41 -28.85 32.50
N PHE D 96 9.96 -28.73 33.72
CA PHE D 96 10.12 -27.46 34.45
C PHE D 96 11.48 -27.49 35.08
N LYS D 97 12.33 -26.51 34.76
CA LYS D 97 13.67 -26.48 35.26
C LYS D 97 13.70 -26.45 36.77
N ASP D 98 14.48 -27.39 37.34
CA ASP D 98 14.63 -27.53 38.77
C ASP D 98 13.35 -27.96 39.46
N ASP D 99 12.43 -28.52 38.70
CA ASP D 99 11.17 -28.97 39.23
C ASP D 99 10.68 -30.23 38.45
N GLY D 100 9.40 -30.47 38.52
CA GLY D 100 8.76 -31.66 37.92
C GLY D 100 8.59 -31.64 36.41
N THR D 101 7.92 -32.66 35.93
CA THR D 101 7.64 -32.83 34.51
C THR D 101 6.18 -33.09 34.26
N TYR D 102 5.63 -32.55 33.20
CA TYR D 102 4.33 -32.99 32.69
C TYR D 102 4.53 -33.87 31.45
N LYS D 103 3.74 -34.93 31.35
CA LYS D 103 3.64 -35.74 30.14
C LYS D 103 2.25 -35.68 29.64
N THR D 104 2.00 -35.37 28.37
CA THR D 104 0.65 -35.17 27.86
C THR D 104 0.45 -35.91 26.57
N ARG D 105 -0.79 -36.41 26.39
CA ARG D 105 -1.24 -37.01 25.11
C ARG D 105 -2.58 -36.47 24.80
N ALA D 106 -2.72 -35.92 23.61
CA ALA D 106 -3.98 -35.27 23.19
C ALA D 106 -4.37 -35.68 21.80
N GLU D 107 -5.67 -35.81 21.56
CA GLU D 107 -6.18 -35.95 20.23
C GLU D 107 -6.96 -34.71 19.83
N VAL D 108 -6.63 -34.18 18.67
CA VAL D 108 -7.23 -32.93 18.14
C VAL D 108 -7.90 -33.29 16.86
N LYS D 109 -9.22 -33.17 16.78
CA LYS D 109 -9.95 -33.60 15.59
C LYS D 109 -11.30 -32.93 15.51
N PHE D 110 -11.89 -32.92 14.38
CA PHE D 110 -13.27 -32.46 14.26
C PHE D 110 -14.27 -33.53 14.70
N GLU D 111 -15.29 -33.14 15.42
CA GLU D 111 -16.47 -33.94 15.75
C GLU D 111 -17.61 -33.12 15.21
N GLY D 112 -18.05 -33.42 14.01
CA GLY D 112 -18.98 -32.51 13.32
C GLY D 112 -18.29 -31.19 13.05
N ASP D 113 -18.99 -30.14 13.36
CA ASP D 113 -18.44 -28.78 13.13
CA ASP D 113 -18.48 -28.79 13.15
C ASP D 113 -17.53 -28.27 14.24
N THR D 114 -17.39 -28.99 15.31
CA THR D 114 -16.56 -28.60 16.44
C THR D 114 -15.18 -29.18 16.48
N LEU D 115 -14.17 -28.38 16.68
CA LEU D 115 -12.80 -28.83 16.81
C LEU D 115 -12.65 -29.16 18.23
N VAL D 116 -12.25 -30.40 18.52
CA VAL D 116 -12.15 -30.90 19.90
C VAL D 116 -10.69 -31.26 20.23
N ASN D 117 -10.22 -30.84 21.39
CA ASN D 117 -8.91 -31.19 21.92
C ASN D 117 -9.13 -31.92 23.21
N ARG D 118 -8.86 -33.23 23.21
CA ARG D 118 -9.06 -34.12 24.41
C ARG D 118 -7.69 -34.53 24.88
N ILE D 119 -7.38 -34.27 26.11
CA ILE D 119 -6.04 -34.42 26.68
C ILE D 119 -5.99 -35.21 27.99
N GLU D 120 -4.96 -36.05 28.07
CA GLU D 120 -4.54 -36.67 29.35
C GLU D 120 -3.21 -36.10 29.76
N LEU D 121 -3.11 -35.66 30.99
CA LEU D 121 -1.83 -35.09 31.55
C LEU D 121 -1.43 -35.78 32.82
N LYS D 122 -0.17 -36.15 32.91
CA LYS D 122 0.42 -36.72 34.14
C LYS D 122 1.63 -35.95 34.54
N GLY D 123 1.67 -35.42 35.75
CA GLY D 123 2.78 -34.70 36.28
C GLY D 123 3.41 -35.38 37.46
N ILE D 124 4.73 -35.45 37.47
CA ILE D 124 5.46 -36.13 38.51
C ILE D 124 6.69 -35.36 38.96
N ASP D 125 7.14 -35.63 40.14
CA ASP D 125 8.37 -35.07 40.67
C ASP D 125 8.35 -33.62 40.98
N PHE D 126 7.18 -33.06 41.23
CA PHE D 126 7.10 -31.66 41.60
C PHE D 126 7.43 -31.42 43.06
N LYS D 127 8.12 -30.32 43.33
CA LYS D 127 8.48 -29.90 44.67
C LYS D 127 7.26 -29.29 45.35
N GLU D 128 7.01 -29.66 46.59
CA GLU D 128 5.86 -29.20 47.31
C GLU D 128 5.77 -27.72 47.45
N ASP D 129 6.91 -27.06 47.65
CA ASP D 129 6.95 -25.61 47.78
C ASP D 129 7.76 -24.97 46.68
N GLY D 130 7.73 -25.60 45.52
CA GLY D 130 8.34 -25.04 44.31
C GLY D 130 7.36 -24.04 43.66
N ASN D 131 7.75 -23.56 42.48
CA ASN D 131 6.93 -22.51 41.82
C ASN D 131 5.61 -23.02 41.36
N ILE D 132 5.49 -24.32 41.08
CA ILE D 132 4.28 -24.91 40.52
C ILE D 132 3.29 -25.24 41.60
N LEU D 133 3.65 -26.23 42.44
CA LEU D 133 2.72 -26.58 43.53
C LEU D 133 2.59 -25.49 44.58
N GLY D 134 3.55 -24.59 44.69
CA GLY D 134 3.48 -23.47 45.55
C GLY D 134 2.71 -22.25 45.00
N HIS D 135 2.28 -22.34 43.78
CA HIS D 135 1.52 -21.27 43.15
C HIS D 135 2.24 -19.93 43.16
N LYS D 136 3.48 -19.91 42.66
CA LYS D 136 4.32 -18.73 42.70
C LYS D 136 4.46 -18.09 41.33
N LEU D 137 3.73 -18.55 40.34
CA LEU D 137 3.81 -18.01 38.99
C LEU D 137 2.80 -16.90 38.78
N GLU D 138 3.25 -15.80 38.14
CA GLU D 138 2.34 -14.73 37.80
C GLU D 138 1.28 -15.17 36.82
N TYR D 139 0.14 -14.51 36.87
CA TYR D 139 -0.98 -14.79 36.01
C TYR D 139 -0.81 -13.97 34.74
N ASN D 140 0.08 -14.43 33.88
CA ASN D 140 0.40 -13.73 32.62
C ASN D 140 1.08 -14.75 31.70
N PHE D 141 1.44 -14.31 30.52
CA PHE D 141 1.99 -15.25 29.51
C PHE D 141 2.83 -14.52 28.54
N ASN D 142 4.04 -14.91 28.28
CA ASN D 142 4.92 -14.30 27.37
C ASN D 142 4.68 -14.78 25.94
N SER D 143 5.27 -14.07 25.03
CA SER D 143 5.29 -14.41 23.60
CA SER D 143 5.28 -14.41 23.62
C SER D 143 6.49 -15.39 23.32
N HIS D 144 6.23 -16.42 22.48
CA HIS D 144 7.26 -17.42 22.21
C HIS D 144 7.35 -17.76 20.76
N ASN D 145 8.44 -18.44 20.38
CA ASN D 145 8.55 -19.05 19.07
C ASN D 145 8.55 -20.58 19.24
N VAL D 146 7.72 -21.20 18.47
CA VAL D 146 7.59 -22.71 18.50
C VAL D 146 8.28 -23.16 17.21
N TYR D 147 9.41 -23.87 17.32
CA TYR D 147 10.15 -24.32 16.19
C TYR D 147 9.70 -25.68 15.70
N ILE D 148 9.25 -25.75 14.47
CA ILE D 148 8.69 -26.98 13.87
C ILE D 148 9.57 -27.54 12.82
N THR D 149 9.71 -28.88 12.85
CA THR D 149 10.46 -29.62 11.86
C THR D 149 9.68 -30.86 11.46
N ALA D 150 9.89 -31.30 10.24
CA ALA D 150 9.21 -32.52 9.81
C ALA D 150 9.82 -33.75 10.47
N ASP D 151 8.97 -34.75 10.63
CA ASP D 151 9.33 -36.09 11.10
C ASP D 151 8.80 -37.00 10.04
N LYS D 152 9.54 -37.16 8.98
CA LYS D 152 9.08 -37.96 7.83
C LYS D 152 8.82 -39.41 8.23
N GLN D 153 9.64 -39.95 9.11
CA GLN D 153 9.53 -41.36 9.49
C GLN D 153 8.18 -41.64 10.15
N LYS D 154 7.55 -40.66 10.77
CA LYS D 154 6.26 -40.82 11.41
C LYS D 154 5.13 -40.15 10.67
N ASN D 155 5.42 -39.62 9.49
CA ASN D 155 4.43 -38.89 8.72
C ASN D 155 3.87 -37.73 9.52
N GLY D 156 4.74 -37.07 10.29
CA GLY D 156 4.34 -36.01 11.17
C GLY D 156 5.38 -34.94 11.37
N ILE D 157 5.28 -34.32 12.52
CA ILE D 157 6.16 -33.21 12.85
C ILE D 157 6.63 -33.34 14.27
N LYS D 158 7.68 -32.59 14.57
CA LYS D 158 8.19 -32.41 15.89
C LYS D 158 8.27 -30.91 16.18
N ALA D 159 8.28 -30.57 17.44
CA ALA D 159 8.49 -29.15 17.80
C ALA D 159 9.26 -29.10 19.07
N ASN D 160 9.99 -28.02 19.26
CA ASN D 160 10.76 -27.82 20.49
C ASN D 160 10.68 -26.35 20.79
N PHE D 161 10.54 -26.01 22.03
CA PHE D 161 10.49 -24.56 22.42
C PHE D 161 10.65 -24.48 23.93
N LYS D 162 10.97 -23.29 24.41
CA LYS D 162 11.17 -22.99 25.80
C LYS D 162 10.12 -21.98 26.21
N ILE D 163 9.28 -22.30 27.14
CA ILE D 163 8.27 -21.36 27.71
C ILE D 163 8.89 -20.72 28.89
N ARG D 164 8.70 -19.39 28.97
CA ARG D 164 9.22 -18.59 30.11
C ARG D 164 8.06 -18.18 30.95
N HIS D 165 7.95 -18.68 32.18
CA HIS D 165 6.87 -18.31 33.10
C HIS D 165 7.41 -17.30 34.11
N ASN D 166 6.89 -16.08 34.14
CA ASN D 166 7.31 -15.09 35.16
C ASN D 166 6.94 -15.54 36.54
N VAL D 167 7.88 -15.46 37.46
CA VAL D 167 7.65 -15.82 38.87
C VAL D 167 7.41 -14.54 39.68
N GLU D 168 6.68 -14.66 40.75
CA GLU D 168 6.30 -13.48 41.58
C GLU D 168 7.49 -12.85 42.18
N ASP D 169 8.64 -13.43 42.34
CA ASP D 169 9.81 -12.82 42.90
C ASP D 169 10.73 -12.19 41.85
N GLY D 170 10.27 -12.13 40.60
CA GLY D 170 11.10 -11.57 39.58
C GLY D 170 11.91 -12.48 38.73
N SER D 171 12.05 -13.73 39.19
CA SER D 171 12.78 -14.74 38.43
C SER D 171 11.87 -15.25 37.31
N VAL D 172 12.43 -16.15 36.49
CA VAL D 172 11.73 -16.79 35.40
C VAL D 172 11.83 -18.30 35.55
N GLN D 173 10.70 -18.96 35.44
CA GLN D 173 10.64 -20.44 35.52
C GLN D 173 10.58 -20.92 34.10
N LEU D 174 11.64 -21.65 33.69
CA LEU D 174 11.66 -22.19 32.33
C LEU D 174 10.93 -23.54 32.24
N ALA D 175 10.23 -23.74 31.15
CA ALA D 175 9.51 -25.02 30.91
C ALA D 175 9.93 -25.44 29.49
N ASP D 176 10.81 -26.46 29.40
CA ASP D 176 11.27 -26.96 28.11
C ASP D 176 10.23 -27.88 27.52
N HIS D 177 9.79 -27.64 26.32
CA HIS D 177 8.75 -28.41 25.64
C HIS D 177 9.31 -29.23 24.50
N TYR D 178 8.99 -30.54 24.56
CA TYR D 178 9.39 -31.49 23.52
C TYR D 178 8.10 -32.03 22.94
N GLN D 179 7.83 -31.88 21.67
CA GLN D 179 6.54 -32.16 21.11
C GLN D 179 6.62 -33.04 19.84
N GLN D 180 5.63 -33.94 19.69
CA GLN D 180 5.52 -34.67 18.47
C GLN D 180 4.05 -34.80 18.05
N ASN D 181 3.77 -34.72 16.77
CA ASN D 181 2.41 -34.81 16.28
C ASN D 181 2.35 -35.80 15.14
N THR D 182 1.33 -36.66 15.16
CA THR D 182 1.16 -37.66 14.13
C THR D 182 -0.28 -37.75 13.69
N PRO D 183 -0.56 -37.94 12.43
CA PRO D 183 -1.93 -37.98 11.96
C PRO D 183 -2.69 -39.18 12.51
N ILE D 184 -3.96 -38.99 12.73
CA ILE D 184 -4.91 -40.07 13.09
C ILE D 184 -5.32 -40.82 11.86
N GLY D 185 -5.60 -40.20 10.76
CA GLY D 185 -6.06 -40.83 9.52
C GLY D 185 -4.91 -41.29 8.64
N ASP D 186 -5.25 -42.03 7.57
CA ASP D 186 -4.26 -42.51 6.64
C ASP D 186 -4.11 -41.66 5.40
N GLY D 187 -4.88 -40.59 5.30
CA GLY D 187 -4.80 -39.70 4.14
C GLY D 187 -3.52 -38.88 4.14
N PRO D 188 -3.20 -38.29 2.99
CA PRO D 188 -1.94 -37.57 2.85
C PRO D 188 -1.97 -36.29 3.68
N VAL D 189 -0.80 -35.97 4.23
CA VAL D 189 -0.61 -34.74 5.00
C VAL D 189 0.56 -33.95 4.42
N LEU D 190 0.65 -32.70 4.82
CA LEU D 190 1.74 -31.86 4.38
C LEU D 190 2.85 -31.96 5.43
N LEU D 191 4.04 -32.30 5.00
CA LEU D 191 5.21 -32.33 5.84
C LEU D 191 5.99 -31.09 5.52
N PRO D 192 6.30 -30.31 6.56
CA PRO D 192 6.81 -28.96 6.29
C PRO D 192 8.33 -28.83 6.30
N ASP D 193 8.80 -27.79 5.64
CA ASP D 193 10.13 -27.30 5.83
C ASP D 193 10.21 -26.65 7.22
N ASN D 194 11.40 -26.50 7.75
CA ASN D 194 11.57 -25.89 9.07
C ASN D 194 11.01 -24.48 9.10
N HIS D 195 10.23 -24.19 10.13
CA HIS D 195 9.63 -22.88 10.32
C HIS D 195 9.26 -22.71 11.77
N TYR D 196 8.64 -21.60 12.13
CA TYR D 196 8.22 -21.43 13.51
C TYR D 196 6.86 -20.76 13.61
N LEU D 197 6.25 -20.89 14.75
CA LEU D 197 5.02 -20.23 15.07
C LEU D 197 5.35 -19.14 16.08
N SER D 198 4.89 -17.91 15.85
CA SER D 198 5.07 -16.83 16.78
C SER D 198 3.79 -16.65 17.54
N THR D 199 3.87 -16.67 18.86
CA THR D 199 2.66 -16.63 19.72
C THR D 199 2.51 -15.39 20.62
N LYS D 200 1.27 -14.97 20.85
CA LYS D 200 0.95 -13.84 21.72
C LYS D 200 -0.26 -14.17 22.52
N SER D 201 -0.24 -14.02 23.86
CA SER D 201 -1.36 -14.51 24.68
C SER D 201 -1.73 -13.55 25.75
N VAL D 202 -3.03 -13.37 26.03
CA VAL D 202 -3.49 -12.55 27.10
C VAL D 202 -4.43 -13.33 27.98
N LEU D 203 -4.04 -13.48 29.23
CA LEU D 203 -4.83 -14.16 30.26
CA LEU D 203 -4.82 -14.17 30.27
C LEU D 203 -5.67 -13.22 31.12
N SER D 204 -6.91 -13.51 31.35
CA SER D 204 -7.78 -12.66 32.10
C SER D 204 -8.74 -13.48 32.97
N LYS D 205 -9.54 -12.80 33.74
CA LYS D 205 -10.57 -13.39 34.59
C LYS D 205 -11.96 -12.84 34.16
N ASP D 206 -13.00 -13.55 34.48
CA ASP D 206 -14.37 -13.19 34.34
C ASP D 206 -14.80 -12.78 35.73
N PRO D 207 -15.08 -11.52 35.98
CA PRO D 207 -15.43 -11.08 37.32
C PRO D 207 -16.71 -11.66 37.88
N ASN D 208 -17.56 -12.23 37.03
CA ASN D 208 -18.77 -12.88 37.55
C ASN D 208 -18.61 -14.38 37.77
N GLU D 209 -17.46 -14.90 37.53
CA GLU D 209 -17.22 -16.36 37.56
C GLU D 209 -16.66 -16.70 38.90
N LYS D 210 -17.38 -17.51 39.68
CA LYS D 210 -16.91 -17.93 40.97
C LYS D 210 -16.06 -19.22 40.95
N ARG D 211 -16.12 -19.97 39.89
CA ARG D 211 -15.29 -21.17 39.75
C ARG D 211 -13.86 -20.79 39.39
N ASP D 212 -12.87 -21.62 39.65
CA ASP D 212 -11.52 -21.43 39.27
C ASP D 212 -11.45 -21.50 37.81
N HIS D 213 -10.93 -20.50 37.09
CA HIS D 213 -11.05 -20.39 35.66
C HIS D 213 -9.97 -19.56 35.03
N MET D 214 -9.89 -19.61 33.72
CA MET D 214 -8.94 -18.79 32.91
C MET D 214 -9.68 -18.36 31.67
N VAL D 215 -9.63 -17.08 31.33
CA VAL D 215 -10.08 -16.53 30.03
C VAL D 215 -8.83 -16.32 29.23
N LEU D 216 -8.77 -16.80 28.03
CA LEU D 216 -7.55 -16.78 27.19
C LEU D 216 -7.88 -16.16 25.82
N LEU D 217 -7.03 -15.26 25.37
CA LEU D 217 -7.04 -14.73 24.00
C LEU D 217 -5.64 -15.12 23.49
N GLU D 218 -5.53 -15.64 22.30
CA GLU D 218 -4.26 -16.00 21.72
C GLU D 218 -4.23 -15.63 20.25
N PHE D 219 -3.12 -15.12 19.77
CA PHE D 219 -2.88 -14.91 18.33
C PHE D 219 -1.64 -15.73 18.00
N VAL D 220 -1.70 -16.50 16.93
CA VAL D 220 -0.52 -17.32 16.53
C VAL D 220 -0.31 -17.31 15.05
N THR D 221 0.87 -16.97 14.59
CA THR D 221 1.17 -16.78 13.23
C THR D 221 2.45 -17.48 12.81
N ALA D 222 2.43 -18.16 11.68
CA ALA D 222 3.60 -18.86 11.21
C ALA D 222 4.56 -17.93 10.49
N ALA D 223 5.84 -18.23 10.58
CA ALA D 223 6.90 -17.41 9.97
C ALA D 223 8.17 -18.19 9.80
N GLY D 224 9.21 -17.57 9.26
CA GLY D 224 10.48 -18.24 9.06
C GLY D 224 10.75 -18.92 7.73
N ILE D 225 9.84 -18.78 6.76
CA ILE D 225 10.12 -19.22 5.40
C ILE D 225 9.85 -18.06 4.42
NA NA E . 0.51 0.79 17.38
NA NA F . -18.10 -11.46 10.84
N03 DB5 G . 1.03 -12.82 11.36
N02 DB5 G . 0.07 -12.07 11.83
N01 DB5 G . 0.54 -11.26 12.79
OH DB5 G . 1.69 -11.10 15.78
CH DB5 G . 2.88 -11.26 15.96
OT DB5 G . 3.68 -11.45 14.77
CI DB5 G . 3.12 -10.74 13.63
CP DB5 G . 1.93 -11.44 12.97
CS DB5 G . 2.10 -12.38 12.00
CK DB5 G . 3.48 -12.78 11.44
CV DB5 G . 4.43 -13.12 12.59
CM DB5 G . 5.71 -12.31 12.44
CL DB5 G . 5.60 -10.85 12.93
CN DB5 G . 4.25 -10.25 12.61
C1 GOL H . 13.36 -14.54 -10.29
O1 GOL H . 13.44 -15.63 -11.19
C2 GOL H . 14.33 -14.75 -9.16
O2 GOL H . 15.13 -13.58 -8.79
C3 GOL H . 13.56 -15.37 -8.00
O3 GOL H . 14.33 -15.21 -6.79
C1 GOL I . 10.52 -18.58 -14.36
O1 GOL I . 9.55 -18.48 -15.46
C2 GOL I . 9.92 -18.28 -12.98
O2 GOL I . 8.98 -17.01 -12.86
C3 GOL I . 11.00 -17.97 -12.02
O3 GOL I . 10.29 -17.97 -10.73
C1 GOL J . 9.28 -17.18 -14.43
O1 GOL J . 9.95 -17.90 -15.60
C2 GOL J . 9.17 -18.11 -13.21
O2 GOL J . 10.57 -18.13 -12.48
C3 GOL J . 8.08 -17.52 -12.39
O3 GOL J . 8.00 -18.24 -11.15
NA NA K . 14.81 -1.84 -4.31
N03 DB5 L . -0.91 9.74 -25.28
N02 DB5 L . 0.14 9.37 -24.64
N01 DB5 L . -0.15 9.12 -23.38
OH DB5 L . -4.68 9.51 -19.87
CH DB5 L . -3.72 10.02 -20.41
OT DB5 L . -3.45 9.73 -21.86
CI DB5 L . -2.38 8.95 -22.18
CP DB5 L . -1.49 9.22 -23.34
CS DB5 L . -1.98 9.67 -24.51
CK DB5 L . -3.46 10.04 -24.77
CV DB5 L . -3.98 8.92 -25.59
CM DB5 L . -4.09 7.63 -24.85
CL DB5 L . -4.41 7.78 -23.32
CN DB5 L . -3.13 7.67 -22.47
C1 GOL M . 15.11 13.60 -26.49
O1 GOL M . 13.75 13.15 -26.45
C2 GOL M . 15.76 13.40 -25.10
O2 GOL M . 15.22 12.29 -24.33
C3 GOL M . 17.27 13.40 -25.37
O3 GOL M . 17.99 13.31 -24.19
NA NA N . -14.06 38.66 -13.92
NA NA O . -17.36 26.52 -35.67
NA NA P . -0.96 14.42 -8.91
CL CL Q . 9.66 16.01 -10.97
C1 GOL R . -7.78 -39.36 26.02
O1 GOL R . -8.71 -38.59 26.77
C2 GOL R . -7.31 -38.61 24.75
O2 GOL R . -7.51 -39.57 23.72
C3 GOL R . -5.85 -38.21 24.74
O3 GOL R . -4.93 -39.25 25.18
NA NA S . 12.43 -19.38 40.46
NA NA T . 10.04 -24.51 40.87
NA NA U . -12.40 -11.36 27.46
NA NA V . 1.33 -31.79 47.17
#